data_7BUX
#
_entry.id   7BUX
#
_cell.length_a   54.000
_cell.length_b   71.270
_cell.length_c   103.380
_cell.angle_alpha   90.000
_cell.angle_beta   103.497
_cell.angle_gamma   90.000
#
_symmetry.space_group_name_H-M   'P 1 21 1'
#
loop_
_entity.id
_entity.type
_entity.pdbx_description
1 polymer FPS2
2 water water
#
_entity_poly.entity_id   1
_entity_poly.type   'polypeptide(L)'
_entity_poly.pdbx_seq_one_letter_code
;MNHKVHHHHHHIEGRHMSDLKSKFLEVYSVLKSELLNDPAFDFTDDSRLWVERMLDYNVPGGKLNRGLSVIDSFKLLKEG
KEPTDEEIFLACVLGWCIEWLQAYFLVLDDIMDSSHTRRGQPCWFRLPKVGMIAVNDGLILRNHIPRILKKHFKGKPYYV
DLLDLFNEVEFQTASGQMIDLITTLVGEKDLSKYSLPLHHRIVQYKTAYYSFYLPVACALVMSGENLDNHVDVKNILVEM
GTYFQVQDDYLDCFGDPKFIGKIGTDIEDFKCSWLVVKALELANDEQKKLLHENYGKEDPECVAKVKKLYETLNLQDVFG
EYERQSHGKLIKAIEGHSNKAVQFVLKSSLEKIYQRQK
;
_entity_poly.pdbx_strand_id   A,B
#
# COMPACT_ATOMS: atom_id res chain seq x y z
N SER A 18 18.50 -13.31 22.57
CA SER A 18 19.75 -12.59 22.80
C SER A 18 19.47 -11.18 23.31
N ASP A 19 20.53 -10.50 23.75
CA ASP A 19 20.41 -9.15 24.30
C ASP A 19 19.72 -8.21 23.33
N LEU A 20 20.26 -8.10 22.11
CA LEU A 20 19.74 -7.12 21.17
C LEU A 20 18.40 -7.55 20.61
N LYS A 21 18.15 -8.86 20.47
CA LYS A 21 16.83 -9.28 20.00
C LYS A 21 15.76 -8.91 21.03
N SER A 22 16.07 -9.06 22.32
CA SER A 22 15.15 -8.66 23.37
C SER A 22 14.93 -7.14 23.36
N LYS A 23 16.00 -6.36 23.19
CA LYS A 23 15.84 -4.91 23.06
C LYS A 23 15.04 -4.55 21.82
N PHE A 24 15.20 -5.32 20.75
CA PHE A 24 14.45 -5.08 19.51
C PHE A 24 12.96 -5.28 19.74
N LEU A 25 12.60 -6.34 20.48
CA LEU A 25 11.18 -6.57 20.77
C LEU A 25 10.61 -5.54 21.75
N GLU A 26 11.42 -5.08 22.71
CA GLU A 26 11.00 -3.96 23.54
C GLU A 26 10.72 -2.72 22.71
N VAL A 27 11.55 -2.47 21.69
CA VAL A 27 11.31 -1.33 20.82
C VAL A 27 10.03 -1.53 20.03
N TYR A 28 9.72 -2.78 19.66
CA TYR A 28 8.42 -3.06 19.05
C TYR A 28 7.28 -2.62 19.96
N SER A 29 7.37 -2.95 21.25
CA SER A 29 6.30 -2.56 22.17
C SER A 29 6.17 -1.04 22.23
N VAL A 30 7.29 -0.33 22.28
CA VAL A 30 7.24 1.14 22.28
C VAL A 30 6.54 1.65 21.02
N LEU A 31 6.95 1.14 19.85
CA LEU A 31 6.38 1.63 18.59
C LEU A 31 4.89 1.34 18.51
N LYS A 32 4.48 0.16 18.97
CA LYS A 32 3.05 -0.17 18.97
C LYS A 32 2.26 0.77 19.86
N SER A 33 2.78 1.07 21.05
CA SER A 33 2.08 2.01 21.93
C SER A 33 1.92 3.37 21.25
N GLU A 34 2.99 3.87 20.62
CA GLU A 34 2.92 5.15 19.94
C GLU A 34 1.88 5.12 18.82
N LEU A 35 1.87 4.04 18.04
CA LEU A 35 0.90 3.93 16.95
C LEU A 35 -0.53 3.88 17.46
N LEU A 36 -0.75 3.20 18.58
CA LEU A 36 -2.12 3.16 19.10
C LEU A 36 -2.51 4.43 19.84
N ASN A 37 -1.58 5.38 20.00
CA ASN A 37 -1.92 6.72 20.48
C ASN A 37 -1.61 7.78 19.43
N ASP A 38 -1.92 7.48 18.17
CA ASP A 38 -1.56 8.36 17.05
C ASP A 38 -2.51 9.54 16.97
N PRO A 39 -2.02 10.79 17.01
CA PRO A 39 -2.91 11.96 16.99
C PRO A 39 -3.58 12.21 15.66
N ALA A 40 -3.18 11.54 14.58
CA ALA A 40 -3.78 11.77 13.27
C ALA A 40 -5.07 10.97 13.07
N PHE A 41 -5.45 10.14 14.04
CA PHE A 41 -6.65 9.32 13.94
C PHE A 41 -7.37 9.33 15.28
N ASP A 42 -8.70 9.24 15.21
CA ASP A 42 -9.55 9.24 16.41
C ASP A 42 -9.87 7.79 16.77
N PHE A 43 -8.98 7.20 17.57
CA PHE A 43 -9.17 5.82 17.98
C PHE A 43 -10.31 5.68 18.99
N THR A 44 -11.03 4.57 18.90
CA THR A 44 -11.95 4.10 19.93
C THR A 44 -11.47 2.72 20.41
N ASP A 45 -12.18 2.16 21.39
CA ASP A 45 -11.79 0.85 21.91
C ASP A 45 -11.79 -0.20 20.80
N ASP A 46 -12.79 -0.16 19.92
CA ASP A 46 -12.91 -1.19 18.88
C ASP A 46 -11.72 -1.17 17.93
N SER A 47 -11.44 -0.01 17.33
CA SER A 47 -10.39 0.09 16.32
C SER A 47 -9.00 -0.01 16.96
N ARG A 48 -8.85 0.46 18.21
CA ARG A 48 -7.57 0.31 18.88
C ARG A 48 -7.29 -1.16 19.17
N LEU A 49 -8.30 -1.91 19.64
CA LEU A 49 -8.11 -3.34 19.83
C LEU A 49 -7.89 -4.05 18.50
N TRP A 50 -8.58 -3.64 17.45
CA TRP A 50 -8.39 -4.23 16.13
C TRP A 50 -6.95 -4.04 15.65
N VAL A 51 -6.47 -2.79 15.66
CA VAL A 51 -5.11 -2.54 15.20
C VAL A 51 -4.11 -3.30 16.07
N GLU A 52 -4.39 -3.40 17.38
CA GLU A 52 -3.42 -4.11 18.20
C GLU A 52 -3.43 -5.63 17.94
N ARG A 53 -4.59 -6.21 17.68
CA ARG A 53 -4.68 -7.64 17.39
C ARG A 53 -4.03 -8.01 16.04
N MET A 54 -4.03 -7.06 15.11
CA MET A 54 -3.47 -7.23 13.79
C MET A 54 -1.97 -7.05 13.83
N LEU A 55 -1.53 -6.03 14.56
CA LEU A 55 -0.11 -5.82 14.74
C LEU A 55 0.54 -7.02 15.40
N ASP A 56 0.00 -7.47 16.54
CA ASP A 56 0.63 -8.57 17.26
C ASP A 56 0.61 -9.86 16.44
N TYR A 57 -0.40 -10.06 15.61
CA TYR A 57 -0.49 -11.29 14.83
C TYR A 57 0.44 -11.27 13.63
N ASN A 58 0.72 -10.10 13.03
CA ASN A 58 1.41 -10.09 11.75
C ASN A 58 2.84 -9.55 11.78
N VAL A 59 3.22 -8.76 12.79
CA VAL A 59 4.49 -8.02 12.70
C VAL A 59 5.64 -8.68 13.47
N PRO A 60 5.50 -9.00 14.76
CA PRO A 60 6.68 -9.41 15.54
C PRO A 60 6.96 -10.91 15.58
N GLY A 61 6.23 -11.73 14.82
CA GLY A 61 6.32 -13.17 15.01
C GLY A 61 7.37 -13.91 14.20
N GLY A 62 7.98 -13.26 13.22
CA GLY A 62 8.98 -13.90 12.39
C GLY A 62 10.35 -13.97 13.05
N LYS A 63 11.36 -14.14 12.21
CA LYS A 63 12.73 -14.28 12.70
C LYS A 63 13.47 -12.95 12.77
N LEU A 64 12.90 -11.89 12.19
CA LEU A 64 13.38 -10.51 12.38
C LEU A 64 14.83 -10.33 11.94
N ASN A 65 15.30 -11.18 11.02
CA ASN A 65 16.70 -11.09 10.57
C ASN A 65 16.96 -9.77 9.84
N ARG A 66 16.07 -9.38 8.94
CA ARG A 66 16.27 -8.14 8.20
C ARG A 66 16.28 -6.95 9.15
N GLY A 67 15.39 -6.94 10.14
CA GLY A 67 15.35 -5.84 11.09
C GLY A 67 16.62 -5.75 11.92
N LEU A 68 17.10 -6.89 12.43
CA LEU A 68 18.27 -6.87 13.30
C LEU A 68 19.55 -6.58 12.53
N SER A 69 19.56 -6.89 11.23
CA SER A 69 20.73 -6.57 10.41
C SER A 69 20.96 -5.07 10.28
N VAL A 70 19.92 -4.25 10.48
CA VAL A 70 20.13 -2.80 10.51
C VAL A 70 21.07 -2.43 11.66
N ILE A 71 20.78 -2.95 12.86
CA ILE A 71 21.61 -2.66 14.02
C ILE A 71 23.01 -3.23 13.82
N ASP A 72 23.10 -4.46 13.31
CA ASP A 72 24.42 -5.04 13.07
C ASP A 72 25.25 -4.18 12.11
N SER A 73 24.66 -3.79 10.98
CA SER A 73 25.37 -2.99 10.00
C SER A 73 25.77 -1.64 10.57
N PHE A 74 24.87 -1.00 11.33
CA PHE A 74 25.20 0.30 11.92
C PHE A 74 26.37 0.19 12.88
N LYS A 75 26.37 -0.86 13.72
CA LYS A 75 27.48 -1.05 14.64
C LYS A 75 28.79 -1.33 13.90
N LEU A 76 28.72 -2.02 12.77
CA LEU A 76 29.94 -2.24 11.99
C LEU A 76 30.44 -0.95 11.37
N LEU A 77 29.53 -0.07 10.95
CA LEU A 77 29.95 1.19 10.34
C LEU A 77 30.43 2.20 11.37
N LYS A 78 30.12 2.00 12.63
CA LYS A 78 30.55 2.92 13.65
C LYS A 78 31.94 2.60 14.13
N GLU A 79 32.85 2.39 13.18
CA GLU A 79 34.24 2.10 13.44
C GLU A 79 34.80 3.06 14.43
N GLY A 80 35.37 2.56 15.47
CA GLY A 80 35.97 3.41 16.45
C GLY A 80 35.11 4.17 17.43
N LYS A 81 33.87 4.54 17.11
CA LYS A 81 33.18 5.33 18.11
C LYS A 81 31.84 4.76 18.55
N GLU A 82 31.83 4.26 19.77
CA GLU A 82 30.70 3.68 20.43
C GLU A 82 29.32 4.26 20.14
N PRO A 83 28.39 3.42 19.73
CA PRO A 83 27.07 4.03 19.49
C PRO A 83 26.33 4.31 20.78
N THR A 84 25.62 5.44 20.80
CA THR A 84 24.81 5.79 21.95
C THR A 84 23.61 4.86 22.05
N ASP A 85 22.94 4.90 23.21
CA ASP A 85 21.69 4.17 23.37
C ASP A 85 20.62 4.71 22.42
N GLU A 86 20.61 6.04 22.23
CA GLU A 86 19.66 6.66 21.31
C GLU A 86 19.88 6.18 19.88
N GLU A 87 21.14 6.06 19.46
CA GLU A 87 21.43 5.58 18.11
C GLU A 87 21.00 4.12 17.95
N ILE A 88 21.22 3.30 18.97
CA ILE A 88 20.78 1.91 18.91
C ILE A 88 19.26 1.84 18.79
N PHE A 89 18.56 2.73 19.53
CA PHE A 89 17.10 2.76 19.46
C PHE A 89 16.63 3.16 18.06
N LEU A 90 17.25 4.18 17.47
CA LEU A 90 16.85 4.60 16.12
C LEU A 90 17.12 3.51 15.09
N ALA A 91 18.24 2.79 15.23
CA ALA A 91 18.51 1.68 14.32
C ALA A 91 17.47 0.58 14.48
N CYS A 92 17.04 0.32 15.72
CA CYS A 92 15.95 -0.63 15.96
C CYS A 92 14.67 -0.16 15.27
N VAL A 93 14.40 1.14 15.32
CA VAL A 93 13.20 1.70 14.71
C VAL A 93 13.21 1.47 13.19
N LEU A 94 14.38 1.68 12.56
CA LEU A 94 14.47 1.44 11.12
C LEU A 94 14.31 -0.05 10.80
N GLY A 95 14.92 -0.92 11.61
CA GLY A 95 14.72 -2.35 11.41
C GLY A 95 13.26 -2.75 11.50
N TRP A 96 12.54 -2.16 12.46
CA TRP A 96 11.12 -2.47 12.57
C TRP A 96 10.32 -1.92 11.38
N CYS A 97 10.75 -0.78 10.83
CA CYS A 97 10.11 -0.31 9.59
C CYS A 97 10.26 -1.35 8.49
N ILE A 98 11.44 -1.98 8.39
CA ILE A 98 11.62 -3.03 7.38
C ILE A 98 10.70 -4.21 7.67
N GLU A 99 10.56 -4.58 8.95
CA GLU A 99 9.69 -5.70 9.29
C GLU A 99 8.21 -5.38 9.05
N TRP A 100 7.82 -4.12 9.23
CA TRP A 100 6.47 -3.67 8.90
C TRP A 100 6.21 -3.77 7.40
N LEU A 101 7.18 -3.32 6.59
CA LEU A 101 7.05 -3.44 5.15
C LEU A 101 6.87 -4.88 4.73
N GLN A 102 7.70 -5.77 5.29
CA GLN A 102 7.58 -7.19 4.95
C GLN A 102 6.24 -7.75 5.39
N ALA A 103 5.74 -7.35 6.56
CA ALA A 103 4.46 -7.87 7.04
C ALA A 103 3.31 -7.43 6.14
N TYR A 104 3.32 -6.17 5.69
CA TYR A 104 2.31 -5.69 4.76
C TYR A 104 2.31 -6.51 3.47
N PHE A 105 3.51 -6.72 2.91
CA PHE A 105 3.60 -7.51 1.68
C PHE A 105 3.16 -8.95 1.90
N LEU A 106 3.52 -9.54 3.05
CA LEU A 106 3.17 -10.93 3.32
C LEU A 106 1.67 -11.12 3.49
N VAL A 107 1.01 -10.20 4.19
CA VAL A 107 -0.45 -10.28 4.34
C VAL A 107 -1.10 -10.28 2.96
N LEU A 108 -0.70 -9.33 2.11
CA LEU A 108 -1.35 -9.26 0.80
C LEU A 108 -0.97 -10.45 -0.08
N ASP A 109 0.27 -10.93 0.01
CA ASP A 109 0.68 -12.12 -0.76
C ASP A 109 -0.13 -13.34 -0.35
N ASP A 110 -0.35 -13.53 0.95
CA ASP A 110 -1.16 -14.66 1.41
C ASP A 110 -2.58 -14.55 0.87
N ILE A 111 -3.11 -13.34 0.78
CA ILE A 111 -4.43 -13.19 0.17
C ILE A 111 -4.39 -13.58 -1.30
N MET A 112 -3.37 -13.10 -2.03
CA MET A 112 -3.29 -13.35 -3.46
C MET A 112 -3.04 -14.82 -3.79
N ASP A 113 -2.30 -15.53 -2.95
CA ASP A 113 -1.95 -16.92 -3.20
C ASP A 113 -3.00 -17.90 -2.66
N SER A 114 -4.05 -17.41 -2.02
CA SER A 114 -5.06 -18.25 -1.36
C SER A 114 -4.40 -19.23 -0.38
N SER A 115 -3.34 -18.77 0.29
CA SER A 115 -2.63 -19.59 1.25
C SER A 115 -3.51 -19.89 2.45
N HIS A 116 -3.07 -20.83 3.28
CA HIS A 116 -3.82 -21.23 4.45
C HIS A 116 -3.10 -20.96 5.77
N THR A 117 -1.80 -21.20 5.85
CA THR A 117 -1.07 -21.07 7.10
C THR A 117 0.27 -20.38 6.85
N ARG A 118 0.73 -19.69 7.90
CA ARG A 118 2.00 -18.99 7.92
C ARG A 118 2.62 -19.20 9.29
N ARG A 119 3.88 -19.59 9.34
CA ARG A 119 4.56 -19.87 10.60
C ARG A 119 3.71 -20.74 11.52
N GLY A 120 3.02 -21.72 10.94
CA GLY A 120 2.28 -22.72 11.69
C GLY A 120 0.92 -22.32 12.20
N GLN A 121 0.48 -21.10 11.94
CA GLN A 121 -0.85 -20.62 12.33
C GLN A 121 -1.61 -20.17 11.09
N PRO A 122 -2.94 -20.05 11.18
CA PRO A 122 -3.70 -19.62 10.01
C PRO A 122 -3.28 -18.23 9.54
N CYS A 123 -3.36 -18.02 8.23
CA CYS A 123 -3.12 -16.69 7.67
C CYS A 123 -4.12 -15.70 8.23
N TRP A 124 -3.68 -14.44 8.36
CA TRP A 124 -4.53 -13.40 8.93
C TRP A 124 -5.91 -13.37 8.27
N PHE A 125 -5.95 -13.37 6.94
CA PHE A 125 -7.24 -13.33 6.24
C PHE A 125 -8.03 -14.62 6.37
N ARG A 126 -7.41 -15.71 6.83
CA ARG A 126 -8.15 -16.95 7.02
C ARG A 126 -8.98 -16.96 8.30
N LEU A 127 -8.67 -16.12 9.28
CA LEU A 127 -9.44 -16.14 10.51
C LEU A 127 -10.85 -15.63 10.24
N PRO A 128 -11.87 -16.24 10.88
CA PRO A 128 -13.24 -16.02 10.41
C PRO A 128 -13.72 -14.58 10.54
N LYS A 129 -13.24 -13.85 11.54
CA LYS A 129 -13.66 -12.48 11.75
C LYS A 129 -12.86 -11.47 10.93
N VAL A 130 -11.93 -11.94 10.09
CA VAL A 130 -11.12 -11.03 9.30
C VAL A 130 -11.54 -11.10 7.84
N GLY A 131 -11.20 -12.21 7.17
CA GLY A 131 -11.52 -12.30 5.75
C GLY A 131 -10.87 -11.19 4.95
N MET A 132 -11.62 -10.67 3.98
CA MET A 132 -11.10 -9.65 3.08
C MET A 132 -10.79 -8.33 3.79
N ILE A 133 -11.24 -8.15 5.04
CA ILE A 133 -10.77 -7.02 5.83
C ILE A 133 -9.25 -6.94 5.81
N ALA A 134 -8.60 -8.11 5.74
CA ALA A 134 -7.14 -8.16 5.74
C ALA A 134 -6.54 -7.30 4.65
N VAL A 135 -7.23 -7.15 3.52
CA VAL A 135 -6.73 -6.27 2.46
C VAL A 135 -6.46 -4.88 3.04
N ASN A 136 -7.48 -4.27 3.65
CA ASN A 136 -7.29 -2.97 4.25
C ASN A 136 -6.25 -3.02 5.37
N ASP A 137 -6.19 -4.13 6.10
CA ASP A 137 -5.17 -4.25 7.13
C ASP A 137 -3.77 -4.12 6.53
N GLY A 138 -3.55 -4.73 5.35
CA GLY A 138 -2.29 -4.51 4.66
C GLY A 138 -1.99 -3.04 4.49
N LEU A 139 -2.98 -2.29 4.00
CA LEU A 139 -2.83 -0.85 3.85
C LEU A 139 -2.41 -0.20 5.16
N ILE A 140 -3.12 -0.55 6.24
CA ILE A 140 -2.78 0.02 7.56
C ILE A 140 -1.32 -0.21 7.87
N LEU A 141 -0.86 -1.46 7.67
CA LEU A 141 0.53 -1.78 7.97
C LEU A 141 1.47 -0.88 7.20
N ARG A 142 1.23 -0.72 5.91
CA ARG A 142 2.13 0.11 5.11
C ARG A 142 2.12 1.54 5.63
N ASN A 143 0.94 2.06 5.96
CA ASN A 143 0.89 3.46 6.35
C ASN A 143 1.39 3.67 7.77
N HIS A 144 1.71 2.59 8.49
CA HIS A 144 2.39 2.75 9.76
C HIS A 144 3.83 3.19 9.58
N ILE A 145 4.42 2.89 8.42
CA ILE A 145 5.83 3.19 8.21
C ILE A 145 6.09 4.70 8.19
N PRO A 146 5.34 5.52 7.44
CA PRO A 146 5.52 6.97 7.59
C PRO A 146 5.28 7.48 9.00
N ARG A 147 4.20 7.02 9.65
CA ARG A 147 3.92 7.43 11.03
C ARG A 147 5.12 7.20 11.92
N ILE A 148 5.74 6.03 11.80
CA ILE A 148 6.94 5.73 12.58
C ILE A 148 8.07 6.67 12.19
N LEU A 149 8.33 6.81 10.89
CA LEU A 149 9.45 7.63 10.44
C LEU A 149 9.28 9.07 10.89
N LYS A 150 8.11 9.65 10.59
CA LYS A 150 7.83 11.01 11.03
C LYS A 150 8.04 11.15 12.54
N LYS A 151 7.65 10.13 13.30
CA LYS A 151 7.73 10.26 14.75
C LYS A 151 9.17 10.33 15.23
N HIS A 152 10.09 9.64 14.55
CA HIS A 152 11.43 9.49 15.09
C HIS A 152 12.53 10.12 14.26
N PHE A 153 12.25 10.56 13.03
CA PHE A 153 13.30 11.09 12.17
C PHE A 153 12.98 12.42 11.49
N LYS A 154 11.79 12.99 11.71
CA LYS A 154 11.40 14.20 10.97
C LYS A 154 12.40 15.34 11.17
N GLY A 155 12.96 15.47 12.36
CA GLY A 155 13.93 16.54 12.57
C GLY A 155 15.32 16.29 12.03
N LYS A 156 15.59 15.09 11.53
CA LYS A 156 16.93 14.76 11.06
C LYS A 156 17.12 15.27 9.64
N PRO A 157 18.35 15.70 9.30
CA PRO A 157 18.60 16.17 7.93
C PRO A 157 18.48 15.07 6.87
N TYR A 158 18.49 13.79 7.25
CA TYR A 158 18.35 12.70 6.30
C TYR A 158 16.93 12.12 6.27
N TYR A 159 15.95 12.87 6.80
CA TYR A 159 14.57 12.39 6.84
C TYR A 159 14.04 12.10 5.43
N VAL A 160 14.25 13.02 4.50
CA VAL A 160 13.71 12.85 3.16
C VAL A 160 14.44 11.72 2.44
N ASP A 161 15.71 11.48 2.78
CA ASP A 161 16.42 10.33 2.22
C ASP A 161 15.79 9.04 2.67
N LEU A 162 15.39 8.97 3.95
CA LEU A 162 14.65 7.82 4.45
C LEU A 162 13.36 7.61 3.66
N LEU A 163 12.58 8.67 3.49
CA LEU A 163 11.30 8.54 2.78
C LEU A 163 11.50 8.06 1.35
N ASP A 164 12.47 8.66 0.65
CA ASP A 164 12.75 8.25 -0.72
C ASP A 164 13.23 6.80 -0.80
N LEU A 165 14.11 6.41 0.10
CA LEU A 165 14.61 5.03 0.13
C LEU A 165 13.46 4.05 0.28
N PHE A 166 12.62 4.25 1.31
CA PHE A 166 11.55 3.29 1.57
C PHE A 166 10.52 3.29 0.44
N ASN A 167 10.16 4.47 -0.09
CA ASN A 167 9.21 4.52 -1.19
C ASN A 167 9.75 3.78 -2.41
N GLU A 168 11.04 3.98 -2.75
CA GLU A 168 11.57 3.37 -3.96
C GLU A 168 11.72 1.86 -3.80
N VAL A 169 12.16 1.40 -2.62
CA VAL A 169 12.25 -0.03 -2.39
C VAL A 169 10.86 -0.66 -2.43
N GLU A 170 9.84 0.03 -1.89
CA GLU A 170 8.49 -0.50 -1.96
C GLU A 170 8.00 -0.60 -3.39
N PHE A 171 8.24 0.45 -4.20
CA PHE A 171 7.90 0.41 -5.62
C PHE A 171 8.55 -0.77 -6.31
N GLN A 172 9.85 -0.99 -6.06
CA GLN A 172 10.57 -2.07 -6.72
C GLN A 172 10.06 -3.43 -6.27
N THR A 173 9.73 -3.58 -4.99
CA THR A 173 9.20 -4.85 -4.48
C THR A 173 7.84 -5.16 -5.09
N ALA A 174 6.95 -4.16 -5.13
CA ALA A 174 5.64 -4.36 -5.75
C ALA A 174 5.77 -4.69 -7.23
N SER A 175 6.72 -4.05 -7.93
CA SER A 175 6.91 -4.34 -9.34
C SER A 175 7.44 -5.77 -9.56
N GLY A 176 8.37 -6.19 -8.69
CA GLY A 176 8.83 -7.58 -8.77
C GLY A 176 7.71 -8.57 -8.56
N GLN A 177 6.84 -8.28 -7.58
CA GLN A 177 5.66 -9.11 -7.38
C GLN A 177 4.77 -9.12 -8.61
N MET A 178 4.63 -7.97 -9.28
CA MET A 178 3.80 -7.90 -10.48
C MET A 178 4.34 -8.81 -11.58
N ILE A 179 5.65 -8.74 -11.84
CA ILE A 179 6.16 -9.58 -12.93
C ILE A 179 6.14 -11.04 -12.52
N ASP A 180 6.30 -11.35 -11.24
CA ASP A 180 6.15 -12.74 -10.80
C ASP A 180 4.73 -13.24 -11.05
N LEU A 181 3.73 -12.41 -10.74
CA LEU A 181 2.34 -12.81 -10.91
C LEU A 181 1.99 -13.00 -12.38
N ILE A 182 2.36 -12.03 -13.23
CA ILE A 182 1.99 -12.14 -14.64
C ILE A 182 2.83 -13.17 -15.38
N THR A 183 4.03 -13.47 -14.90
CA THR A 183 4.79 -14.58 -15.43
C THR A 183 4.10 -15.89 -15.09
N THR A 184 3.78 -16.09 -13.80
CA THR A 184 3.18 -17.34 -13.38
C THR A 184 1.73 -17.47 -13.86
N LEU A 185 0.88 -16.49 -13.60
CA LEU A 185 -0.55 -16.72 -13.77
C LEU A 185 -1.12 -16.42 -15.17
N VAL A 186 -0.74 -15.32 -15.82
CA VAL A 186 -1.40 -14.92 -17.06
C VAL A 186 -0.69 -15.53 -18.28
N GLY A 187 -1.42 -15.57 -19.40
CA GLY A 187 -1.04 -16.36 -20.56
C GLY A 187 -1.63 -17.75 -20.47
N GLU A 188 -1.14 -18.63 -21.35
CA GLU A 188 -1.24 -20.07 -21.12
C GLU A 188 -0.16 -20.45 -20.12
N LYS A 189 0.18 -21.73 -19.97
CA LYS A 189 1.21 -22.11 -19.02
C LYS A 189 2.33 -22.86 -19.71
N ASP A 190 2.73 -22.38 -20.88
CA ASP A 190 3.98 -22.76 -21.52
C ASP A 190 5.18 -22.60 -20.58
N LEU A 191 5.88 -23.70 -20.34
CA LEU A 191 7.07 -23.67 -19.50
C LEU A 191 8.29 -23.11 -20.24
N SER A 192 8.22 -22.97 -21.56
CA SER A 192 9.33 -22.41 -22.33
C SER A 192 9.66 -20.97 -21.92
N LYS A 193 8.64 -20.13 -21.71
CA LYS A 193 8.89 -18.73 -21.33
C LYS A 193 9.87 -18.62 -20.17
N TYR A 194 9.80 -19.52 -19.20
CA TYR A 194 10.67 -19.44 -18.02
C TYR A 194 12.13 -19.52 -18.44
N SER A 195 12.91 -18.53 -18.03
CA SER A 195 14.30 -18.43 -18.44
C SER A 195 15.12 -17.84 -17.29
N LEU A 196 16.43 -17.79 -17.49
CA LEU A 196 17.35 -17.33 -16.45
C LEU A 196 17.31 -15.81 -16.30
N PRO A 197 17.20 -15.02 -17.38
CA PRO A 197 17.05 -13.57 -17.18
C PRO A 197 15.73 -13.19 -16.53
N LEU A 198 14.64 -13.85 -16.89
CA LEU A 198 13.35 -13.53 -16.27
C LEU A 198 13.38 -13.88 -14.78
N HIS A 199 13.95 -15.03 -14.43
CA HIS A 199 14.11 -15.39 -13.03
C HIS A 199 14.96 -14.36 -12.30
N HIS A 200 16.09 -13.96 -12.91
CA HIS A 200 16.93 -12.95 -12.29
C HIS A 200 16.18 -11.65 -12.04
N ARG A 201 15.40 -11.20 -13.03
CA ARG A 201 14.67 -9.95 -12.88
C ARG A 201 13.63 -10.03 -11.77
N ILE A 202 12.83 -11.11 -11.78
CA ILE A 202 11.82 -11.32 -10.74
C ILE A 202 12.46 -11.32 -9.37
N VAL A 203 13.58 -12.03 -9.23
CA VAL A 203 14.17 -12.23 -7.92
C VAL A 203 14.86 -10.96 -7.43
N GLN A 204 15.49 -10.23 -8.35
CA GLN A 204 16.14 -8.98 -7.98
C GLN A 204 15.12 -7.97 -7.47
N TYR A 205 14.01 -7.80 -8.19
CA TYR A 205 13.09 -6.74 -7.78
C TYR A 205 12.16 -7.17 -6.65
N LYS A 206 11.79 -8.45 -6.58
CA LYS A 206 10.81 -8.88 -5.59
C LYS A 206 11.42 -9.09 -4.21
N THR A 207 12.70 -9.45 -4.13
CA THR A 207 13.28 -9.79 -2.83
C THR A 207 14.58 -9.06 -2.51
N ALA A 208 15.43 -8.81 -3.51
CA ALA A 208 16.80 -8.42 -3.21
C ALA A 208 16.88 -7.01 -2.63
N TYR A 209 16.08 -6.08 -3.15
CA TYR A 209 16.19 -4.69 -2.71
C TYR A 209 15.76 -4.53 -1.25
N TYR A 210 14.62 -5.13 -0.88
CA TYR A 210 14.13 -4.97 0.49
C TYR A 210 14.82 -5.89 1.49
N SER A 211 15.35 -7.03 1.04
CA SER A 211 15.95 -7.98 1.98
C SER A 211 17.43 -7.74 2.22
N PHE A 212 18.14 -7.21 1.22
CA PHE A 212 19.58 -7.03 1.35
C PHE A 212 20.03 -5.59 1.23
N TYR A 213 19.49 -4.84 0.27
CA TYR A 213 19.91 -3.45 0.12
C TYR A 213 19.36 -2.58 1.25
N LEU A 214 18.04 -2.65 1.48
CA LEU A 214 17.36 -1.76 2.41
C LEU A 214 17.95 -1.73 3.83
N PRO A 215 18.26 -2.85 4.48
CA PRO A 215 18.83 -2.76 5.85
C PRO A 215 20.16 -2.04 5.90
N VAL A 216 21.05 -2.38 4.97
CA VAL A 216 22.36 -1.74 4.91
C VAL A 216 22.21 -0.28 4.55
N ALA A 217 21.27 0.04 3.64
CA ALA A 217 21.05 1.42 3.24
C ALA A 217 20.54 2.25 4.40
N CYS A 218 19.66 1.69 5.22
CA CYS A 218 19.22 2.38 6.43
C CYS A 218 20.40 2.68 7.34
N ALA A 219 21.25 1.67 7.57
CA ALA A 219 22.42 1.90 8.41
C ALA A 219 23.33 2.97 7.84
N LEU A 220 23.49 2.99 6.50
CA LEU A 220 24.34 4.01 5.87
C LEU A 220 23.75 5.40 6.01
N VAL A 221 22.44 5.53 5.78
CA VAL A 221 21.78 6.83 5.93
C VAL A 221 21.95 7.33 7.35
N MET A 222 21.77 6.45 8.35
CA MET A 222 21.99 6.85 9.73
C MET A 222 23.42 7.31 9.96
N SER A 223 24.38 6.72 9.25
CA SER A 223 25.78 7.12 9.36
C SER A 223 26.06 8.46 8.69
N GLY A 224 25.07 9.08 8.05
CA GLY A 224 25.27 10.34 7.36
C GLY A 224 25.71 10.22 5.92
N GLU A 225 25.61 9.06 5.32
CA GLU A 225 26.05 8.86 3.95
C GLU A 225 24.96 9.27 2.96
N ASN A 226 25.39 9.72 1.79
CA ASN A 226 24.51 9.93 0.65
C ASN A 226 24.48 8.65 -0.15
N LEU A 227 23.28 8.08 -0.33
CA LEU A 227 23.16 6.79 -1.02
C LEU A 227 23.55 6.89 -2.49
N ASP A 228 23.60 8.10 -3.06
CA ASP A 228 24.03 8.25 -4.44
C ASP A 228 25.53 8.03 -4.61
N ASN A 229 26.30 8.00 -3.53
CA ASN A 229 27.72 7.68 -3.58
C ASN A 229 28.00 6.22 -3.25
N HIS A 230 27.00 5.36 -3.23
CA HIS A 230 27.17 3.96 -2.83
C HIS A 230 26.43 3.04 -3.80
N VAL A 231 26.50 3.35 -5.10
CA VAL A 231 25.87 2.50 -6.10
C VAL A 231 26.55 1.14 -6.17
N ASP A 232 27.87 1.09 -5.93
CA ASP A 232 28.58 -0.18 -5.88
C ASP A 232 28.04 -1.08 -4.77
N VAL A 233 27.85 -0.51 -3.58
CA VAL A 233 27.26 -1.26 -2.48
C VAL A 233 25.89 -1.81 -2.88
N LYS A 234 25.08 -0.99 -3.55
CA LYS A 234 23.76 -1.43 -3.96
C LYS A 234 23.85 -2.58 -4.95
N ASN A 235 24.74 -2.48 -5.94
CA ASN A 235 24.91 -3.56 -6.91
C ASN A 235 25.33 -4.85 -6.22
N ILE A 236 26.31 -4.76 -5.32
CA ILE A 236 26.79 -5.95 -4.61
C ILE A 236 25.66 -6.58 -3.81
N LEU A 237 24.87 -5.76 -3.12
CA LEU A 237 23.80 -6.32 -2.28
C LEU A 237 22.66 -6.89 -3.12
N VAL A 238 22.36 -6.28 -4.25
CA VAL A 238 21.31 -6.83 -5.11
C VAL A 238 21.74 -8.18 -5.66
N GLU A 239 23.00 -8.29 -6.11
CA GLU A 239 23.48 -9.58 -6.60
C GLU A 239 23.48 -10.62 -5.48
N MET A 240 23.90 -10.21 -4.28
CA MET A 240 23.90 -11.13 -3.14
C MET A 240 22.48 -11.60 -2.80
N GLY A 241 21.50 -10.71 -2.93
CA GLY A 241 20.12 -11.12 -2.69
C GLY A 241 19.60 -12.06 -3.75
N THR A 242 20.01 -11.85 -5.01
CA THR A 242 19.70 -12.82 -6.06
C THR A 242 20.26 -14.19 -5.71
N TYR A 243 21.50 -14.24 -5.21
CA TYR A 243 22.10 -15.51 -4.81
C TYR A 243 21.36 -16.13 -3.63
N PHE A 244 20.95 -15.30 -2.67
CA PHE A 244 20.16 -15.78 -1.53
C PHE A 244 18.88 -16.44 -1.99
N GLN A 245 18.17 -15.82 -2.93
CA GLN A 245 16.92 -16.41 -3.40
C GLN A 245 17.18 -17.66 -4.25
N VAL A 246 18.31 -17.73 -4.94
CA VAL A 246 18.67 -19.00 -5.60
C VAL A 246 18.84 -20.09 -4.56
N GLN A 247 19.53 -19.79 -3.46
CA GLN A 247 19.64 -20.74 -2.36
C GLN A 247 18.26 -21.18 -1.88
N ASP A 248 17.34 -20.23 -1.77
CA ASP A 248 15.99 -20.55 -1.29
C ASP A 248 15.27 -21.47 -2.27
N ASP A 249 15.42 -21.20 -3.58
CA ASP A 249 14.83 -22.09 -4.60
C ASP A 249 15.42 -23.49 -4.49
N TYR A 250 16.72 -23.60 -4.24
CA TYR A 250 17.35 -24.91 -4.14
C TYR A 250 16.85 -25.65 -2.90
N LEU A 251 16.75 -24.94 -1.77
CA LEU A 251 16.35 -25.56 -0.52
C LEU A 251 14.87 -25.89 -0.49
N ASP A 252 14.07 -25.23 -1.33
CA ASP A 252 12.64 -25.53 -1.37
C ASP A 252 12.40 -26.94 -1.90
N CYS A 253 13.33 -27.48 -2.68
CA CYS A 253 13.24 -28.83 -3.20
C CYS A 253 14.15 -29.82 -2.50
N PHE A 254 15.39 -29.43 -2.19
CA PHE A 254 16.37 -30.35 -1.60
C PHE A 254 16.64 -30.07 -0.13
N GLY A 255 15.99 -29.07 0.46
CA GLY A 255 16.21 -28.76 1.86
C GLY A 255 15.53 -29.77 2.78
N ASP A 256 15.63 -29.47 4.07
CA ASP A 256 15.02 -30.31 5.11
C ASP A 256 13.77 -29.62 5.62
N PRO A 257 12.61 -30.24 5.49
CA PRO A 257 11.41 -29.58 5.97
C PRO A 257 11.42 -29.34 7.46
N LYS A 258 12.16 -30.13 8.21
CA LYS A 258 12.22 -29.94 9.64
C LYS A 258 13.01 -28.72 10.02
N PHE A 259 14.10 -28.47 9.33
CA PHE A 259 14.93 -27.32 9.63
C PHE A 259 14.39 -26.05 9.03
N ILE A 260 13.78 -26.14 7.87
CA ILE A 260 13.23 -24.98 7.21
C ILE A 260 11.98 -24.51 7.90
N GLY A 261 11.10 -25.44 8.17
CA GLY A 261 9.84 -25.18 8.84
C GLY A 261 8.61 -25.65 8.07
N LYS A 262 8.68 -25.64 6.74
CA LYS A 262 7.58 -26.09 5.90
C LYS A 262 8.13 -26.97 4.79
N ILE A 263 7.22 -27.57 4.03
CA ILE A 263 7.57 -28.43 2.90
C ILE A 263 7.39 -27.63 1.61
N GLY A 264 8.39 -27.69 0.74
CA GLY A 264 8.36 -26.90 -0.48
C GLY A 264 7.42 -27.47 -1.53
N THR A 265 6.67 -26.58 -2.17
CA THR A 265 5.71 -26.92 -3.22
C THR A 265 5.92 -26.05 -4.46
N ASP A 266 7.19 -25.72 -4.76
CA ASP A 266 7.47 -24.91 -5.93
C ASP A 266 7.08 -25.62 -7.21
N ILE A 267 7.28 -26.94 -7.27
CA ILE A 267 6.95 -27.68 -8.48
C ILE A 267 5.43 -27.72 -8.68
N GLU A 268 4.68 -28.03 -7.62
CA GLU A 268 3.21 -27.97 -7.71
C GLU A 268 2.73 -26.60 -8.16
N ASP A 269 3.32 -25.53 -7.63
CA ASP A 269 2.80 -24.19 -7.84
C ASP A 269 3.32 -23.54 -9.12
N PHE A 270 4.01 -24.31 -9.96
CA PHE A 270 4.45 -23.86 -11.29
C PHE A 270 5.29 -22.58 -11.19
N LYS A 271 6.20 -22.54 -10.23
CA LYS A 271 7.00 -21.35 -10.00
C LYS A 271 8.18 -21.30 -10.97
N CYS A 272 8.57 -20.07 -11.34
CA CYS A 272 9.78 -19.86 -12.13
C CYS A 272 11.01 -19.98 -11.23
N SER A 273 11.20 -21.19 -10.73
CA SER A 273 12.31 -21.48 -9.85
C SER A 273 13.61 -21.58 -10.65
N TRP A 274 14.73 -21.34 -9.96
CA TRP A 274 16.02 -21.50 -10.60
C TRP A 274 16.27 -22.94 -11.02
N LEU A 275 15.74 -23.90 -10.25
CA LEU A 275 15.95 -25.31 -10.56
C LEU A 275 15.30 -25.70 -11.88
N VAL A 276 14.03 -25.34 -12.07
CA VAL A 276 13.34 -25.74 -13.30
C VAL A 276 13.95 -25.03 -14.50
N VAL A 277 14.40 -23.78 -14.34
CA VAL A 277 15.03 -23.07 -15.44
C VAL A 277 16.33 -23.76 -15.84
N LYS A 278 17.18 -24.10 -14.86
CA LYS A 278 18.42 -24.79 -15.16
C LYS A 278 18.14 -26.15 -15.77
N ALA A 279 17.08 -26.83 -15.32
CA ALA A 279 16.71 -28.10 -15.91
C ALA A 279 16.32 -27.93 -17.37
N LEU A 280 15.51 -26.91 -17.67
CA LEU A 280 15.10 -26.66 -19.04
C LEU A 280 16.27 -26.23 -19.92
N GLU A 281 17.33 -25.70 -19.33
CA GLU A 281 18.50 -25.39 -20.15
C GLU A 281 19.44 -26.59 -20.28
N LEU A 282 19.36 -27.56 -19.37
CA LEU A 282 20.26 -28.69 -19.39
C LEU A 282 19.64 -29.99 -19.91
N ALA A 283 18.33 -30.02 -20.14
CA ALA A 283 17.69 -31.27 -20.50
C ALA A 283 17.78 -31.50 -22.01
N ASN A 284 17.36 -32.69 -22.42
CA ASN A 284 17.18 -33.02 -23.82
C ASN A 284 15.69 -32.99 -24.16
N ASP A 285 15.38 -33.26 -25.43
CA ASP A 285 13.99 -33.15 -25.88
C ASP A 285 13.06 -34.05 -25.10
N GLU A 286 13.47 -35.28 -24.81
CA GLU A 286 12.61 -36.15 -24.01
C GLU A 286 12.46 -35.62 -22.59
N GLN A 287 13.54 -35.14 -21.98
CA GLN A 287 13.42 -34.62 -20.62
C GLN A 287 12.70 -33.27 -20.59
N LYS A 288 12.78 -32.47 -21.65
CA LYS A 288 11.97 -31.25 -21.62
C LYS A 288 10.51 -31.53 -21.87
N LYS A 289 10.19 -32.58 -22.62
CA LYS A 289 8.78 -32.96 -22.70
C LYS A 289 8.30 -33.51 -21.36
N LEU A 290 9.11 -34.34 -20.72
CA LEU A 290 8.78 -34.81 -19.37
C LEU A 290 8.52 -33.64 -18.43
N LEU A 291 9.35 -32.59 -18.52
CA LEU A 291 9.13 -31.41 -17.69
C LEU A 291 7.81 -30.73 -18.06
N HIS A 292 7.54 -30.59 -19.36
CA HIS A 292 6.32 -29.91 -19.79
C HIS A 292 5.07 -30.64 -19.31
N GLU A 293 5.13 -31.96 -19.15
CA GLU A 293 3.96 -32.77 -18.85
C GLU A 293 3.83 -33.11 -17.38
N ASN A 294 4.73 -32.61 -16.52
CA ASN A 294 4.65 -32.93 -15.11
C ASN A 294 4.79 -31.71 -14.20
N TYR A 295 5.52 -30.69 -14.66
CA TYR A 295 5.69 -29.50 -13.84
C TYR A 295 4.36 -28.77 -13.68
N GLY A 296 4.02 -28.43 -12.43
CA GLY A 296 2.87 -27.60 -12.18
C GLY A 296 1.57 -28.32 -11.95
N LYS A 297 1.60 -29.59 -11.57
CA LYS A 297 0.39 -30.27 -11.13
C LYS A 297 0.61 -30.85 -9.75
N GLU A 298 -0.49 -30.98 -9.00
CA GLU A 298 -0.39 -31.19 -7.57
C GLU A 298 -0.02 -32.61 -7.14
N ASP A 299 -0.23 -33.62 -7.97
CA ASP A 299 -0.17 -34.95 -7.39
C ASP A 299 1.26 -35.50 -7.40
N PRO A 300 1.67 -36.14 -6.30
CA PRO A 300 3.11 -36.42 -6.11
C PRO A 300 3.77 -37.33 -7.11
N GLU A 301 3.03 -38.09 -7.92
CA GLU A 301 3.67 -38.84 -9.01
C GLU A 301 4.47 -37.92 -9.93
N CYS A 302 3.82 -36.87 -10.43
CA CYS A 302 4.50 -35.91 -11.30
C CYS A 302 5.62 -35.18 -10.55
N VAL A 303 5.36 -34.77 -9.31
CA VAL A 303 6.38 -34.12 -8.50
C VAL A 303 7.62 -35.00 -8.37
N ALA A 304 7.41 -36.30 -8.17
CA ALA A 304 8.53 -37.23 -8.02
C ALA A 304 9.28 -37.40 -9.33
N LYS A 305 8.56 -37.42 -10.46
CA LYS A 305 9.25 -37.48 -11.76
C LYS A 305 10.13 -36.25 -11.95
N VAL A 306 9.59 -35.07 -11.62
CA VAL A 306 10.35 -33.83 -11.77
C VAL A 306 11.57 -33.83 -10.86
N LYS A 307 11.40 -34.27 -9.60
CA LYS A 307 12.53 -34.26 -8.68
C LYS A 307 13.60 -35.25 -9.12
N LYS A 308 13.21 -36.41 -9.65
CA LYS A 308 14.25 -37.36 -10.05
C LYS A 308 14.91 -36.94 -11.35
N LEU A 309 14.20 -36.16 -12.19
CA LEU A 309 14.90 -35.51 -13.30
C LEU A 309 15.94 -34.52 -12.78
N TYR A 310 15.57 -33.72 -11.78
CA TYR A 310 16.55 -32.82 -11.17
C TYR A 310 17.77 -33.60 -10.69
N GLU A 311 17.55 -34.79 -10.12
CA GLU A 311 18.67 -35.60 -9.64
C GLU A 311 19.52 -36.12 -10.80
N THR A 312 18.89 -36.68 -11.84
CA THR A 312 19.68 -37.23 -12.95
C THR A 312 20.47 -36.15 -13.65
N LEU A 313 19.95 -34.93 -13.70
CA LEU A 313 20.67 -33.81 -14.26
C LEU A 313 21.74 -33.26 -13.32
N ASN A 314 21.86 -33.84 -12.12
CA ASN A 314 22.86 -33.43 -11.13
C ASN A 314 22.74 -31.94 -10.78
N LEU A 315 21.50 -31.49 -10.57
CA LEU A 315 21.31 -30.07 -10.29
C LEU A 315 21.93 -29.65 -8.96
N GLN A 316 22.27 -30.62 -8.11
CA GLN A 316 22.90 -30.31 -6.83
C GLN A 316 24.33 -29.82 -7.06
N ASP A 317 25.06 -30.49 -7.93
CA ASP A 317 26.43 -30.11 -8.24
C ASP A 317 26.50 -28.84 -9.10
N VAL A 318 25.51 -28.66 -9.98
CA VAL A 318 25.41 -27.39 -10.70
C VAL A 318 25.15 -26.26 -9.72
N PHE A 319 24.32 -26.51 -8.71
CA PHE A 319 24.07 -25.46 -7.71
C PHE A 319 25.31 -25.20 -6.86
N GLY A 320 26.05 -26.25 -6.52
CA GLY A 320 27.29 -26.04 -5.76
C GLY A 320 28.29 -25.20 -6.53
N GLU A 321 28.45 -25.49 -7.82
CA GLU A 321 29.38 -24.69 -8.63
C GLU A 321 28.89 -23.25 -8.77
N TYR A 322 27.59 -23.07 -9.02
CA TYR A 322 27.04 -21.72 -9.03
C TYR A 322 27.32 -21.00 -7.71
N GLU A 323 27.17 -21.70 -6.59
CA GLU A 323 27.33 -21.07 -5.29
C GLU A 323 28.78 -20.64 -5.07
N ARG A 324 29.73 -21.47 -5.47
CA ARG A 324 31.13 -21.08 -5.24
C ARG A 324 31.62 -20.04 -6.24
N GLN A 325 31.04 -20.02 -7.44
CA GLN A 325 31.34 -18.93 -8.37
C GLN A 325 30.76 -17.61 -7.88
N SER A 326 29.52 -17.65 -7.39
CA SER A 326 28.90 -16.46 -6.82
C SER A 326 29.70 -15.94 -5.63
N HIS A 327 30.15 -16.85 -4.77
CA HIS A 327 30.97 -16.44 -3.62
C HIS A 327 32.25 -15.75 -4.08
N GLY A 328 32.94 -16.32 -5.06
CA GLY A 328 34.16 -15.70 -5.54
C GLY A 328 33.92 -14.32 -6.14
N LYS A 329 32.94 -14.22 -7.04
CA LYS A 329 32.54 -12.93 -7.60
C LYS A 329 32.27 -11.90 -6.51
N LEU A 330 31.46 -12.27 -5.52
CA LEU A 330 31.07 -11.31 -4.50
C LEU A 330 32.28 -10.90 -3.66
N ILE A 331 33.18 -11.83 -3.35
CA ILE A 331 34.35 -11.50 -2.55
C ILE A 331 35.25 -10.52 -3.31
N LYS A 332 35.44 -10.76 -4.62
CA LYS A 332 36.25 -9.85 -5.42
C LYS A 332 35.63 -8.46 -5.48
N ALA A 333 34.34 -8.39 -5.76
CA ALA A 333 33.67 -7.09 -5.83
C ALA A 333 33.73 -6.36 -4.49
N ILE A 334 33.57 -7.10 -3.38
CA ILE A 334 33.59 -6.47 -2.06
C ILE A 334 34.98 -5.91 -1.75
N GLU A 335 36.02 -6.71 -2.03
CA GLU A 335 37.37 -6.23 -1.77
C GLU A 335 37.80 -5.15 -2.76
N GLY A 336 37.00 -4.88 -3.80
CA GLY A 336 37.26 -3.71 -4.60
C GLY A 336 36.86 -2.39 -3.97
N HIS A 337 36.09 -2.41 -2.88
CA HIS A 337 35.59 -1.18 -2.27
C HIS A 337 36.65 -0.49 -1.43
N SER A 338 36.55 0.85 -1.37
CA SER A 338 37.57 1.67 -0.76
C SER A 338 37.36 1.92 0.73
N ASN A 339 36.23 1.51 1.31
CA ASN A 339 35.96 1.69 2.72
C ASN A 339 35.98 0.33 3.41
N LYS A 340 36.84 0.20 4.44
CA LYS A 340 36.98 -1.08 5.11
C LYS A 340 35.74 -1.45 5.92
N ALA A 341 35.10 -0.46 6.57
CA ALA A 341 33.88 -0.76 7.30
C ALA A 341 32.79 -1.28 6.37
N VAL A 342 32.65 -0.68 5.19
CA VAL A 342 31.69 -1.16 4.20
C VAL A 342 32.02 -2.60 3.79
N GLN A 343 33.31 -2.88 3.58
CA GLN A 343 33.73 -4.24 3.24
C GLN A 343 33.34 -5.22 4.34
N PHE A 344 33.54 -4.82 5.60
CA PHE A 344 33.17 -5.67 6.72
C PHE A 344 31.66 -5.93 6.72
N VAL A 345 30.86 -4.88 6.47
CA VAL A 345 29.41 -5.06 6.41
C VAL A 345 29.04 -6.06 5.33
N LEU A 346 29.61 -5.91 4.13
CA LEU A 346 29.24 -6.77 3.02
C LEU A 346 29.71 -8.21 3.23
N LYS A 347 30.92 -8.40 3.76
CA LYS A 347 31.41 -9.75 4.02
C LYS A 347 30.63 -10.41 5.15
N SER A 348 30.23 -9.64 6.18
CA SER A 348 29.41 -10.21 7.23
C SER A 348 28.07 -10.65 6.68
N SER A 349 27.48 -9.84 5.79
CA SER A 349 26.24 -10.23 5.13
C SER A 349 26.43 -11.52 4.33
N LEU A 350 27.57 -11.64 3.64
CA LEU A 350 27.80 -12.82 2.79
C LEU A 350 27.99 -14.10 3.60
N GLU A 351 28.79 -14.04 4.68
CA GLU A 351 29.11 -15.27 5.39
C GLU A 351 27.96 -15.77 6.23
N LYS A 352 26.99 -14.92 6.56
CA LYS A 352 25.81 -15.41 7.26
C LYS A 352 24.97 -16.36 6.38
N ILE A 353 25.09 -16.24 5.06
CA ILE A 353 24.24 -17.01 4.15
C ILE A 353 25.02 -18.02 3.32
N TYR A 354 26.34 -17.89 3.22
CA TYR A 354 27.13 -18.82 2.41
C TYR A 354 27.01 -20.23 2.96
N GLN A 355 26.53 -21.15 2.11
CA GLN A 355 26.36 -22.56 2.46
C GLN A 355 25.40 -22.76 3.63
N ARG A 356 24.42 -21.87 3.79
CA ARG A 356 23.39 -22.05 4.79
C ARG A 356 22.52 -23.26 4.45
N GLN A 357 21.85 -23.81 5.47
CA GLN A 357 20.90 -24.88 5.27
C GLN A 357 19.47 -24.50 5.65
N LYS A 358 19.22 -23.26 6.05
CA LYS A 358 17.89 -22.83 6.48
C LYS A 358 17.75 -21.32 6.28
N ASP B 19 -10.02 23.93 -22.15
CA ASP B 19 -8.95 24.81 -21.71
C ASP B 19 -8.06 24.13 -20.67
N LEU B 20 -8.51 24.13 -19.42
CA LEU B 20 -7.76 23.51 -18.36
C LEU B 20 -7.96 22.01 -18.31
N LYS B 21 -9.18 21.56 -18.56
CA LYS B 21 -9.47 20.13 -18.51
C LYS B 21 -8.73 19.35 -19.59
N SER B 22 -8.64 19.93 -20.79
CA SER B 22 -7.88 19.27 -21.86
C SER B 22 -6.41 19.17 -21.48
N LYS B 23 -5.85 20.25 -20.91
CA LYS B 23 -4.47 20.23 -20.46
C LYS B 23 -4.27 19.19 -19.35
N PHE B 24 -5.29 18.99 -18.51
CA PHE B 24 -5.21 17.98 -17.45
C PHE B 24 -5.11 16.57 -18.03
N LEU B 25 -5.90 16.28 -19.06
CA LEU B 25 -5.82 14.95 -19.66
C LEU B 25 -4.50 14.75 -20.41
N GLU B 26 -4.01 15.83 -21.04
CA GLU B 26 -2.69 15.80 -21.67
C GLU B 26 -1.62 15.48 -20.63
N VAL B 27 -1.75 16.05 -19.44
CA VAL B 27 -0.79 15.78 -18.39
C VAL B 27 -0.89 14.32 -17.95
N TYR B 28 -2.09 13.75 -17.97
CA TYR B 28 -2.20 12.31 -17.71
C TYR B 28 -1.33 11.52 -18.70
N SER B 29 -1.43 11.87 -19.99
CA SER B 29 -0.63 11.15 -20.98
C SER B 29 0.86 11.31 -20.71
N VAL B 30 1.29 12.53 -20.36
CA VAL B 30 2.69 12.77 -20.02
C VAL B 30 3.13 11.88 -18.86
N LEU B 31 2.35 11.88 -17.78
CA LEU B 31 2.74 11.16 -16.58
C LEU B 31 2.79 9.66 -16.84
N LYS B 32 1.85 9.13 -17.63
CA LYS B 32 1.87 7.71 -17.96
C LYS B 32 3.13 7.35 -18.73
N SER B 33 3.52 8.20 -19.70
CA SER B 33 4.75 7.93 -20.44
C SER B 33 5.96 7.89 -19.51
N GLU B 34 6.06 8.87 -18.62
CA GLU B 34 7.18 8.88 -17.69
C GLU B 34 7.19 7.65 -16.79
N LEU B 35 6.02 7.24 -16.31
CA LEU B 35 5.96 6.07 -15.45
C LEU B 35 6.38 4.80 -16.20
N LEU B 36 5.99 4.68 -17.47
CA LEU B 36 6.40 3.50 -18.22
C LEU B 36 7.83 3.59 -18.72
N ASN B 37 8.52 4.70 -18.50
CA ASN B 37 9.97 4.74 -18.72
C ASN B 37 10.73 5.02 -17.42
N ASP B 38 10.29 4.39 -16.33
CA ASP B 38 10.84 4.66 -15.01
C ASP B 38 12.19 3.97 -14.84
N PRO B 39 13.26 4.71 -14.51
CA PRO B 39 14.58 4.06 -14.39
C PRO B 39 14.73 3.16 -13.17
N ALA B 40 13.79 3.17 -12.23
CA ALA B 40 13.91 2.34 -11.05
C ALA B 40 13.41 0.91 -11.27
N PHE B 41 12.86 0.62 -12.45
CA PHE B 41 12.36 -0.71 -12.74
C PHE B 41 12.78 -1.12 -14.15
N ASP B 42 13.04 -2.41 -14.33
CA ASP B 42 13.49 -2.97 -15.60
C ASP B 42 12.26 -3.49 -16.35
N PHE B 43 11.63 -2.62 -17.12
CA PHE B 43 10.43 -2.99 -17.85
C PHE B 43 10.78 -3.90 -19.03
N THR B 44 9.88 -4.84 -19.32
CA THR B 44 9.82 -5.53 -20.59
C THR B 44 8.48 -5.23 -21.24
N ASP B 45 8.29 -5.74 -22.46
CA ASP B 45 7.05 -5.48 -23.17
C ASP B 45 5.85 -5.99 -22.38
N ASP B 46 6.00 -7.14 -21.73
CA ASP B 46 4.90 -7.73 -20.97
C ASP B 46 4.48 -6.83 -19.81
N SER B 47 5.44 -6.43 -18.97
CA SER B 47 5.11 -5.64 -17.79
C SER B 47 4.73 -4.22 -18.17
N ARG B 48 5.31 -3.69 -19.24
CA ARG B 48 4.94 -2.35 -19.69
C ARG B 48 3.50 -2.32 -20.22
N LEU B 49 3.13 -3.33 -21.01
CA LEU B 49 1.74 -3.40 -21.48
C LEU B 49 0.78 -3.64 -20.31
N TRP B 50 1.16 -4.49 -19.36
CA TRP B 50 0.30 -4.72 -18.20
C TRP B 50 0.03 -3.43 -17.46
N VAL B 51 1.09 -2.69 -17.12
CA VAL B 51 0.92 -1.46 -16.37
C VAL B 51 0.12 -0.44 -17.18
N GLU B 52 0.33 -0.37 -18.50
CA GLU B 52 -0.37 0.67 -19.26
C GLU B 52 -1.86 0.35 -19.39
N ARG B 53 -2.20 -0.94 -19.60
CA ARG B 53 -3.61 -1.33 -19.61
C ARG B 53 -4.24 -1.05 -18.25
N MET B 54 -3.54 -1.37 -17.16
CA MET B 54 -4.09 -1.17 -15.83
C MET B 54 -4.33 0.31 -15.56
N LEU B 55 -3.37 1.16 -15.93
CA LEU B 55 -3.52 2.60 -15.79
C LEU B 55 -4.73 3.09 -16.57
N ASP B 56 -4.82 2.74 -17.86
CA ASP B 56 -5.92 3.24 -18.67
C ASP B 56 -7.27 2.74 -18.16
N TYR B 57 -7.32 1.55 -17.58
CA TYR B 57 -8.60 1.04 -17.11
C TYR B 57 -9.03 1.66 -15.78
N ASN B 58 -8.07 2.02 -14.91
CA ASN B 58 -8.45 2.41 -13.56
C ASN B 58 -8.26 3.89 -13.22
N VAL B 59 -7.44 4.63 -13.95
CA VAL B 59 -7.06 5.97 -13.47
C VAL B 59 -7.82 7.10 -14.14
N PRO B 60 -7.85 7.22 -15.46
CA PRO B 60 -8.39 8.44 -16.08
C PRO B 60 -9.87 8.41 -16.43
N GLY B 61 -10.60 7.36 -16.02
CA GLY B 61 -11.95 7.14 -16.51
C GLY B 61 -13.03 7.81 -15.71
N GLY B 62 -12.64 8.35 -14.56
CA GLY B 62 -13.58 9.04 -13.68
C GLY B 62 -13.92 10.45 -14.10
N LYS B 63 -14.63 11.17 -13.22
CA LYS B 63 -15.02 12.55 -13.48
C LYS B 63 -13.89 13.52 -13.18
N LEU B 64 -12.92 13.06 -12.41
CA LEU B 64 -11.74 13.84 -12.04
C LEU B 64 -12.00 15.22 -11.41
N ASN B 65 -13.05 15.31 -10.59
CA ASN B 65 -13.34 16.58 -9.91
C ASN B 65 -12.26 16.94 -8.89
N ARG B 66 -11.82 15.96 -8.09
CA ARG B 66 -10.79 16.22 -7.09
C ARG B 66 -9.49 16.67 -7.72
N GLY B 67 -9.11 16.06 -8.84
CA GLY B 67 -7.85 16.45 -9.49
C GLY B 67 -7.88 17.88 -9.98
N LEU B 68 -8.95 18.27 -10.67
CA LEU B 68 -9.03 19.63 -11.23
C LEU B 68 -9.26 20.68 -10.15
N SER B 69 -9.83 20.30 -9.01
CA SER B 69 -10.00 21.28 -7.94
C SER B 69 -8.66 21.77 -7.40
N VAL B 70 -7.58 21.02 -7.60
CA VAL B 70 -6.25 21.53 -7.24
C VAL B 70 -5.94 22.79 -8.04
N ILE B 71 -6.12 22.73 -9.36
CA ILE B 71 -5.84 23.89 -10.21
C ILE B 71 -6.81 25.01 -9.90
N ASP B 72 -8.09 24.68 -9.68
CA ASP B 72 -9.07 25.71 -9.32
C ASP B 72 -8.64 26.45 -8.05
N SER B 73 -8.30 25.72 -7.00
CA SER B 73 -7.91 26.33 -5.74
C SER B 73 -6.62 27.14 -5.90
N PHE B 74 -5.65 26.61 -6.65
CA PHE B 74 -4.41 27.35 -6.84
C PHE B 74 -4.65 28.67 -7.54
N LYS B 75 -5.52 28.69 -8.53
CA LYS B 75 -5.82 29.92 -9.24
C LYS B 75 -6.49 30.96 -8.37
N LEU B 76 -7.37 30.54 -7.48
CA LEU B 76 -8.04 31.48 -6.61
C LEU B 76 -7.16 32.02 -5.51
N LEU B 77 -6.10 31.32 -5.17
CA LEU B 77 -5.21 31.79 -4.15
C LEU B 77 -4.16 32.69 -4.69
N LYS B 78 -4.06 32.76 -6.02
CA LYS B 78 -3.12 33.65 -6.65
C LYS B 78 -3.90 34.93 -6.91
N GLU B 79 -4.69 35.31 -5.91
CA GLU B 79 -5.55 36.50 -5.97
C GLU B 79 -6.38 36.46 -7.24
N GLY B 80 -6.39 37.57 -7.97
CA GLY B 80 -7.13 37.64 -9.21
C GLY B 80 -6.16 37.84 -10.35
N LYS B 81 -5.09 37.06 -10.34
CA LYS B 81 -4.09 37.19 -11.34
C LYS B 81 -3.87 35.92 -12.17
N GLU B 82 -2.86 35.98 -13.00
CA GLU B 82 -2.60 34.91 -13.91
C GLU B 82 -1.59 33.91 -13.38
N PRO B 83 -1.96 32.66 -13.39
CA PRO B 83 -1.00 31.65 -12.99
C PRO B 83 -0.14 31.40 -14.19
N THR B 84 1.14 31.13 -14.00
CA THR B 84 2.03 30.86 -15.10
C THR B 84 1.93 29.49 -15.71
N ASP B 85 2.88 29.13 -16.54
CA ASP B 85 2.79 27.82 -17.19
C ASP B 85 3.30 26.66 -16.37
N GLU B 86 4.41 26.84 -15.69
CA GLU B 86 4.95 25.82 -14.84
C GLU B 86 3.92 25.45 -13.79
N GLU B 87 3.36 26.47 -13.14
CA GLU B 87 2.37 26.30 -12.11
C GLU B 87 1.17 25.50 -12.56
N ILE B 88 0.68 25.73 -13.76
CA ILE B 88 -0.44 24.98 -14.24
C ILE B 88 -0.11 23.51 -14.43
N PHE B 89 1.09 23.24 -14.88
CA PHE B 89 1.52 21.89 -15.10
C PHE B 89 1.65 21.19 -13.77
N LEU B 90 2.29 21.85 -12.82
CA LEU B 90 2.49 21.28 -11.52
C LEU B 90 1.20 21.01 -10.79
N ALA B 91 0.26 21.92 -10.87
CA ALA B 91 -1.04 21.71 -10.22
C ALA B 91 -1.77 20.53 -10.85
N CYS B 92 -1.68 20.38 -12.17
CA CYS B 92 -2.25 19.19 -12.83
C CYS B 92 -1.60 17.90 -12.32
N VAL B 93 -0.28 17.94 -12.13
CA VAL B 93 0.43 16.75 -11.65
C VAL B 93 -0.04 16.37 -10.25
N LEU B 94 -0.23 17.37 -9.37
CA LEU B 94 -0.74 17.06 -8.03
C LEU B 94 -2.17 16.55 -8.08
N GLY B 95 -3.02 17.15 -8.92
CA GLY B 95 -4.38 16.65 -9.09
C GLY B 95 -4.39 15.20 -9.53
N TRP B 96 -3.50 14.85 -10.46
CA TRP B 96 -3.42 13.46 -10.90
C TRP B 96 -2.91 12.55 -9.79
N CYS B 97 -2.02 13.06 -8.93
CA CYS B 97 -1.63 12.27 -7.77
C CYS B 97 -2.84 11.93 -6.90
N ILE B 98 -3.74 12.91 -6.71
CA ILE B 98 -4.95 12.64 -5.93
C ILE B 98 -5.83 11.62 -6.64
N GLU B 99 -5.96 11.72 -7.97
CA GLU B 99 -6.80 10.76 -8.68
C GLU B 99 -6.17 9.36 -8.69
N TRP B 100 -4.83 9.29 -8.71
CA TRP B 100 -4.15 8.01 -8.55
C TRP B 100 -4.43 7.40 -7.19
N LEU B 101 -4.38 8.22 -6.13
CA LEU B 101 -4.68 7.74 -4.79
C LEU B 101 -6.11 7.19 -4.73
N GLN B 102 -7.07 7.91 -5.30
CA GLN B 102 -8.45 7.45 -5.28
C GLN B 102 -8.61 6.15 -6.07
N ALA B 103 -7.94 6.04 -7.22
CA ALA B 103 -8.04 4.81 -8.01
C ALA B 103 -7.45 3.63 -7.23
N TYR B 104 -6.33 3.86 -6.55
CA TYR B 104 -5.70 2.83 -5.73
C TYR B 104 -6.66 2.34 -4.65
N PHE B 105 -7.32 3.26 -3.96
CA PHE B 105 -8.29 2.85 -2.95
C PHE B 105 -9.49 2.12 -3.57
N LEU B 106 -9.97 2.60 -4.73
CA LEU B 106 -11.18 2.04 -5.33
C LEU B 106 -10.97 0.61 -5.82
N VAL B 107 -9.82 0.30 -6.41
CA VAL B 107 -9.56 -1.06 -6.88
C VAL B 107 -9.67 -2.05 -5.72
N LEU B 108 -9.00 -1.75 -4.60
CA LEU B 108 -9.01 -2.64 -3.45
C LEU B 108 -10.38 -2.67 -2.78
N ASP B 109 -11.08 -1.53 -2.76
CA ASP B 109 -12.44 -1.52 -2.20
C ASP B 109 -13.36 -2.43 -2.99
N ASP B 110 -13.26 -2.39 -4.32
CA ASP B 110 -14.08 -3.28 -5.16
C ASP B 110 -13.75 -4.73 -4.86
N ILE B 111 -12.48 -5.03 -4.59
CA ILE B 111 -12.17 -6.40 -4.20
C ILE B 111 -12.80 -6.75 -2.86
N MET B 112 -12.69 -5.87 -1.87
CA MET B 112 -13.21 -6.16 -0.54
C MET B 112 -14.73 -6.23 -0.51
N ASP B 113 -15.41 -5.44 -1.34
CA ASP B 113 -16.86 -5.42 -1.38
C ASP B 113 -17.44 -6.50 -2.30
N SER B 114 -16.58 -7.27 -2.98
CA SER B 114 -17.02 -8.25 -3.97
C SER B 114 -17.92 -7.62 -5.02
N SER B 115 -17.61 -6.37 -5.37
CA SER B 115 -18.41 -5.64 -6.34
C SER B 115 -18.27 -6.28 -7.73
N HIS B 116 -19.15 -5.86 -8.63
CA HIS B 116 -19.20 -6.37 -9.99
C HIS B 116 -18.95 -5.30 -11.04
N THR B 117 -19.46 -4.08 -10.85
CA THR B 117 -19.42 -3.05 -11.86
C THR B 117 -18.99 -1.72 -11.28
N ARG B 118 -18.33 -0.93 -12.11
CA ARG B 118 -17.92 0.42 -11.77
C ARG B 118 -17.97 1.21 -13.07
N ARG B 119 -18.60 2.37 -13.03
CA ARG B 119 -18.79 3.23 -14.20
C ARG B 119 -19.23 2.43 -15.42
N GLY B 120 -20.11 1.45 -15.20
CA GLY B 120 -20.71 0.72 -16.30
C GLY B 120 -19.85 -0.39 -16.90
N GLN B 121 -18.65 -0.60 -16.38
CA GLN B 121 -17.77 -1.66 -16.84
C GLN B 121 -17.45 -2.60 -15.69
N PRO B 122 -16.99 -3.81 -15.97
CA PRO B 122 -16.63 -4.74 -14.88
C PRO B 122 -15.53 -4.16 -14.02
N CYS B 123 -15.58 -4.49 -12.73
CA CYS B 123 -14.49 -4.10 -11.84
C CYS B 123 -13.17 -4.69 -12.34
N TRP B 124 -12.09 -3.97 -12.08
CA TRP B 124 -10.78 -4.39 -12.57
C TRP B 124 -10.53 -5.86 -12.25
N PHE B 125 -10.72 -6.26 -10.97
CA PHE B 125 -10.46 -7.63 -10.56
C PHE B 125 -11.45 -8.64 -11.13
N ARG B 126 -12.56 -8.18 -11.71
CA ARG B 126 -13.52 -9.10 -12.32
C ARG B 126 -13.10 -9.59 -13.69
N LEU B 127 -12.18 -8.90 -14.37
CA LEU B 127 -11.76 -9.34 -15.69
C LEU B 127 -11.00 -10.65 -15.59
N PRO B 128 -11.19 -11.56 -16.56
CA PRO B 128 -10.75 -12.94 -16.37
C PRO B 128 -9.23 -13.11 -16.24
N LYS B 129 -8.45 -12.27 -16.89
CA LYS B 129 -7.00 -12.40 -16.85
C LYS B 129 -6.36 -11.74 -15.66
N VAL B 130 -7.13 -11.12 -14.77
CA VAL B 130 -6.52 -10.43 -13.64
C VAL B 130 -6.81 -11.17 -12.32
N GLY B 131 -8.06 -11.22 -11.89
CA GLY B 131 -8.38 -11.78 -10.59
C GLY B 131 -7.67 -11.04 -9.47
N MET B 132 -7.17 -11.81 -8.50
CA MET B 132 -6.54 -11.24 -7.31
C MET B 132 -5.23 -10.53 -7.62
N ILE B 133 -4.69 -10.69 -8.83
CA ILE B 133 -3.58 -9.85 -9.28
C ILE B 133 -3.90 -8.40 -9.06
N ALA B 134 -5.18 -8.02 -9.16
CA ALA B 134 -5.58 -6.63 -8.96
C ALA B 134 -5.11 -6.10 -7.60
N VAL B 135 -5.03 -6.97 -6.59
CA VAL B 135 -4.50 -6.55 -5.29
C VAL B 135 -3.13 -5.90 -5.48
N ASN B 136 -2.21 -6.63 -6.13
CA ASN B 136 -0.89 -6.07 -6.39
C ASN B 136 -0.99 -4.82 -7.25
N ASP B 137 -1.94 -4.81 -8.21
CA ASP B 137 -2.11 -3.61 -9.03
C ASP B 137 -2.42 -2.41 -8.15
N GLY B 138 -3.26 -2.60 -7.13
CA GLY B 138 -3.51 -1.52 -6.18
C GLY B 138 -2.21 -0.97 -5.63
N LEU B 139 -1.34 -1.86 -5.15
CA LEU B 139 -0.04 -1.43 -4.64
C LEU B 139 0.71 -0.61 -5.69
N ILE B 140 0.75 -1.12 -6.94
CA ILE B 140 1.43 -0.40 -8.00
C ILE B 140 0.90 1.01 -8.08
N LEU B 141 -0.44 1.15 -8.09
CA LEU B 141 -1.03 2.48 -8.19
C LEU B 141 -0.52 3.38 -7.08
N ARG B 142 -0.53 2.88 -5.84
CA ARG B 142 -0.09 3.71 -4.73
C ARG B 142 1.36 4.12 -4.92
N ASN B 143 2.21 3.17 -5.34
CA ASN B 143 3.62 3.49 -5.43
C ASN B 143 3.94 4.34 -6.64
N HIS B 144 2.98 4.57 -7.53
CA HIS B 144 3.21 5.53 -8.60
C HIS B 144 3.20 6.96 -8.07
N ILE B 145 2.54 7.22 -6.93
CA ILE B 145 2.44 8.59 -6.44
C ILE B 145 3.81 9.13 -6.04
N PRO B 146 4.65 8.42 -5.27
CA PRO B 146 6.01 8.93 -5.05
C PRO B 146 6.81 9.10 -6.34
N ARG B 147 6.75 8.11 -7.24
CA ARG B 147 7.46 8.21 -8.52
C ARG B 147 7.12 9.52 -9.22
N ILE B 148 5.83 9.85 -9.27
CA ILE B 148 5.40 11.10 -9.89
C ILE B 148 5.97 12.28 -9.11
N LEU B 149 5.80 12.27 -7.78
CA LEU B 149 6.23 13.41 -6.97
C LEU B 149 7.73 13.63 -7.13
N LYS B 150 8.51 12.57 -6.94
CA LYS B 150 9.96 12.65 -7.11
C LYS B 150 10.31 13.22 -8.48
N LYS B 151 9.55 12.84 -9.51
CA LYS B 151 9.91 13.28 -10.86
C LYS B 151 9.70 14.78 -11.03
N HIS B 152 8.69 15.35 -10.38
CA HIS B 152 8.30 16.72 -10.69
C HIS B 152 8.47 17.71 -9.55
N PHE B 153 8.77 17.25 -8.34
CA PHE B 153 8.87 18.15 -7.20
C PHE B 153 10.11 17.94 -6.36
N LYS B 154 11.01 17.02 -6.73
CA LYS B 154 12.18 16.74 -5.92
C LYS B 154 13.02 18.00 -5.72
N GLY B 155 13.10 18.85 -6.74
CA GLY B 155 13.84 20.09 -6.63
C GLY B 155 13.12 21.22 -5.89
N LYS B 156 11.84 21.03 -5.56
CA LYS B 156 11.10 22.09 -4.89
C LYS B 156 11.36 22.07 -3.38
N PRO B 157 11.40 23.24 -2.75
CA PRO B 157 11.65 23.29 -1.30
C PRO B 157 10.51 22.69 -0.46
N TYR B 158 9.31 22.53 -1.02
CA TYR B 158 8.18 21.97 -0.30
C TYR B 158 7.94 20.50 -0.64
N TYR B 159 8.96 19.83 -1.18
CA TYR B 159 8.83 18.42 -1.58
C TYR B 159 8.44 17.54 -0.39
N VAL B 160 9.13 17.70 0.74
CA VAL B 160 8.86 16.83 1.87
C VAL B 160 7.50 17.13 2.48
N ASP B 161 7.04 18.38 2.37
CA ASP B 161 5.69 18.69 2.82
C ASP B 161 4.65 17.96 1.98
N LEU B 162 4.87 17.89 0.67
CA LEU B 162 4.03 17.08 -0.19
C LEU B 162 4.01 15.62 0.27
N LEU B 163 5.18 15.04 0.50
CA LEU B 163 5.24 13.63 0.89
C LEU B 163 4.50 13.39 2.20
N ASP B 164 4.71 14.26 3.20
CA ASP B 164 4.03 14.12 4.47
C ASP B 164 2.51 14.29 4.32
N LEU B 165 2.09 15.26 3.51
CA LEU B 165 0.66 15.47 3.27
C LEU B 165 0.01 14.23 2.70
N PHE B 166 0.58 13.69 1.61
CA PHE B 166 -0.04 12.54 0.96
C PHE B 166 0.00 11.30 1.86
N ASN B 167 1.13 11.07 2.55
CA ASN B 167 1.19 9.93 3.47
C ASN B 167 0.15 10.04 4.58
N GLU B 168 -0.02 11.22 5.17
CA GLU B 168 -0.94 11.34 6.28
C GLU B 168 -2.40 11.20 5.82
N VAL B 169 -2.72 11.80 4.67
CA VAL B 169 -4.07 11.65 4.15
C VAL B 169 -4.36 10.19 3.79
N GLU B 170 -3.37 9.48 3.23
CA GLU B 170 -3.57 8.07 2.93
C GLU B 170 -3.80 7.25 4.19
N PHE B 171 -2.99 7.51 5.24
CA PHE B 171 -3.18 6.85 6.52
C PHE B 171 -4.60 7.09 7.04
N GLN B 172 -5.08 8.33 6.98
CA GLN B 172 -6.40 8.64 7.52
C GLN B 172 -7.51 7.97 6.71
N THR B 173 -7.35 7.91 5.39
CA THR B 173 -8.35 7.24 4.54
C THR B 173 -8.40 5.75 4.86
N ALA B 174 -7.23 5.11 4.97
CA ALA B 174 -7.20 3.68 5.29
C ALA B 174 -7.80 3.41 6.66
N SER B 175 -7.55 4.29 7.64
CA SER B 175 -8.13 4.11 8.96
C SER B 175 -9.65 4.27 8.95
N GLY B 176 -10.15 5.25 8.19
CA GLY B 176 -11.59 5.38 8.03
C GLY B 176 -12.21 4.15 7.38
N GLN B 177 -11.55 3.63 6.35
CA GLN B 177 -12.02 2.38 5.74
C GLN B 177 -12.03 1.25 6.75
N MET B 178 -11.03 1.20 7.63
CA MET B 178 -10.97 0.14 8.64
C MET B 178 -12.17 0.22 9.58
N ILE B 179 -12.47 1.41 10.08
CA ILE B 179 -13.59 1.50 11.02
C ILE B 179 -14.91 1.27 10.28
N ASP B 180 -15.00 1.65 9.01
CA ASP B 180 -16.19 1.29 8.24
C ASP B 180 -16.35 -0.21 8.14
N LEU B 181 -15.26 -0.92 7.87
CA LEU B 181 -15.32 -2.37 7.70
C LEU B 181 -15.72 -3.06 9.00
N ILE B 182 -15.04 -2.70 10.10
CA ILE B 182 -15.30 -3.34 11.39
C ILE B 182 -16.67 -3.02 11.98
N THR B 183 -17.20 -1.85 11.65
CA THR B 183 -18.46 -1.41 12.16
C THR B 183 -19.52 -2.20 11.47
N THR B 184 -19.36 -2.36 10.18
CA THR B 184 -20.29 -3.09 9.38
C THR B 184 -20.16 -4.58 9.56
N LEU B 185 -19.18 -5.16 8.89
CA LEU B 185 -18.99 -6.61 8.93
C LEU B 185 -18.70 -7.23 10.29
N VAL B 186 -18.14 -6.50 11.20
CA VAL B 186 -17.85 -7.11 12.47
C VAL B 186 -18.86 -6.71 13.55
N GLY B 187 -19.86 -5.92 13.17
CA GLY B 187 -20.86 -5.48 14.12
C GLY B 187 -22.25 -5.25 13.58
N GLU B 188 -22.77 -6.23 12.84
CA GLU B 188 -24.11 -6.18 12.28
C GLU B 188 -24.97 -7.16 13.03
N LYS B 189 -24.72 -7.22 14.33
CA LYS B 189 -25.41 -8.07 15.25
C LYS B 189 -26.47 -7.18 15.83
N ASP B 190 -25.99 -6.05 16.32
CA ASP B 190 -26.82 -5.05 16.94
C ASP B 190 -26.69 -3.78 16.15
N LEU B 191 -27.82 -3.34 15.61
CA LEU B 191 -27.89 -2.15 14.81
C LEU B 191 -27.81 -0.97 15.76
N SER B 192 -28.14 -1.17 17.04
CA SER B 192 -27.93 -0.11 18.02
C SER B 192 -26.57 0.52 17.81
N LYS B 193 -25.60 -0.29 17.39
CA LYS B 193 -24.24 0.16 17.16
C LYS B 193 -24.16 1.42 16.28
N TYR B 194 -24.97 1.47 15.23
CA TYR B 194 -24.94 2.62 14.33
C TYR B 194 -25.43 3.85 15.08
N SER B 195 -24.61 4.90 15.07
CA SER B 195 -24.92 6.12 15.78
C SER B 195 -24.42 7.31 14.97
N LEU B 196 -24.76 8.50 15.43
CA LEU B 196 -24.46 9.71 14.68
C LEU B 196 -22.97 10.06 14.81
N PRO B 197 -22.36 9.92 16.00
CA PRO B 197 -20.90 10.15 16.07
C PRO B 197 -20.10 9.12 15.32
N LEU B 198 -20.53 7.85 15.32
CA LEU B 198 -19.81 6.83 14.59
C LEU B 198 -19.85 7.08 13.08
N HIS B 199 -21.03 7.45 12.55
CA HIS B 199 -21.13 7.81 11.15
C HIS B 199 -20.25 9.02 10.84
N HIS B 200 -20.30 10.03 11.71
CA HIS B 200 -19.49 11.22 11.51
C HIS B 200 -18.01 10.87 11.42
N ARG B 201 -17.53 10.04 12.33
CA ARG B 201 -16.12 9.68 12.36
C ARG B 201 -15.73 8.88 11.11
N ILE B 202 -16.52 7.86 10.77
CA ILE B 202 -16.26 7.04 9.58
C ILE B 202 -16.15 7.93 8.34
N VAL B 203 -17.09 8.87 8.21
CA VAL B 203 -17.18 9.67 7.00
C VAL B 203 -16.07 10.71 6.96
N GLN B 204 -15.72 11.27 8.12
CA GLN B 204 -14.64 12.24 8.18
C GLN B 204 -13.33 11.61 7.75
N TYR B 205 -13.03 10.42 8.26
CA TYR B 205 -11.72 9.86 7.95
C TYR B 205 -11.69 9.17 6.59
N LYS B 206 -12.79 8.56 6.16
CA LYS B 206 -12.74 7.79 4.92
C LYS B 206 -12.87 8.67 3.68
N THR B 207 -13.54 9.82 3.78
CA THR B 207 -13.79 10.59 2.56
C THR B 207 -13.35 12.05 2.65
N ALA B 208 -13.49 12.69 3.81
CA ALA B 208 -13.38 14.15 3.86
C ALA B 208 -11.95 14.62 3.64
N TYR B 209 -10.97 13.93 4.22
CA TYR B 209 -9.59 14.39 4.13
C TYR B 209 -9.07 14.34 2.69
N TYR B 210 -9.31 13.23 1.99
CA TYR B 210 -8.78 13.10 0.63
C TYR B 210 -9.63 13.80 -0.40
N SER B 211 -10.93 14.01 -0.15
CA SER B 211 -11.80 14.60 -1.16
C SER B 211 -11.88 16.11 -1.08
N PHE B 212 -11.73 16.70 0.11
CA PHE B 212 -11.89 18.14 0.28
C PHE B 212 -10.65 18.83 0.81
N TYR B 213 -9.98 18.25 1.80
CA TYR B 213 -8.79 18.89 2.35
C TYR B 213 -7.62 18.79 1.39
N LEU B 214 -7.33 17.58 0.90
CA LEU B 214 -6.11 17.31 0.12
C LEU B 214 -5.92 18.23 -1.09
N PRO B 215 -6.92 18.47 -1.96
CA PRO B 215 -6.66 19.35 -3.11
C PRO B 215 -6.29 20.77 -2.72
N VAL B 216 -7.04 21.35 -1.77
CA VAL B 216 -6.73 22.71 -1.33
C VAL B 216 -5.39 22.75 -0.62
N ALA B 217 -5.07 21.69 0.14
CA ALA B 217 -3.79 21.63 0.82
C ALA B 217 -2.64 21.56 -0.19
N CYS B 218 -2.82 20.82 -1.27
CA CYS B 218 -1.83 20.83 -2.35
C CYS B 218 -1.65 22.23 -2.91
N ALA B 219 -2.76 22.91 -3.19
CA ALA B 219 -2.68 24.27 -3.73
C ALA B 219 -1.98 25.21 -2.75
N LEU B 220 -2.24 25.05 -1.45
CA LEU B 220 -1.62 25.91 -0.44
C LEU B 220 -0.11 25.65 -0.37
N VAL B 221 0.28 24.37 -0.36
CA VAL B 221 1.72 24.04 -0.32
C VAL B 221 2.43 24.60 -1.54
N MET B 222 1.82 24.45 -2.73
CA MET B 222 2.41 25.04 -3.93
C MET B 222 2.53 26.56 -3.80
N SER B 223 1.60 27.19 -3.11
CA SER B 223 1.63 28.63 -2.88
C SER B 223 2.68 29.06 -1.86
N GLY B 224 3.41 28.12 -1.26
CA GLY B 224 4.40 28.47 -0.27
C GLY B 224 3.89 28.56 1.14
N GLU B 225 2.70 28.04 1.42
CA GLU B 225 2.13 28.10 2.75
C GLU B 225 2.60 26.93 3.60
N ASN B 226 2.70 27.17 4.91
CA ASN B 226 2.91 26.11 5.89
C ASN B 226 1.56 25.60 6.34
N LEU B 227 1.32 24.30 6.17
CA LEU B 227 0.02 23.73 6.49
C LEU B 227 -0.29 23.78 7.98
N ASP B 228 0.71 23.94 8.84
CA ASP B 228 0.48 24.05 10.27
C ASP B 228 -0.13 25.40 10.66
N ASN B 229 -0.15 26.37 9.74
CA ASN B 229 -0.81 27.65 9.97
C ASN B 229 -2.20 27.70 9.36
N HIS B 230 -2.77 26.57 8.97
CA HIS B 230 -4.07 26.54 8.30
C HIS B 230 -4.95 25.43 8.87
N VAL B 231 -4.92 25.27 10.19
CA VAL B 231 -5.82 24.29 10.82
C VAL B 231 -7.27 24.71 10.66
N ASP B 232 -7.54 26.02 10.59
CA ASP B 232 -8.90 26.49 10.35
C ASP B 232 -9.42 25.98 9.01
N VAL B 233 -8.62 26.15 7.96
CA VAL B 233 -8.99 25.65 6.63
C VAL B 233 -9.27 24.16 6.67
N LYS B 234 -8.41 23.40 7.36
CA LYS B 234 -8.57 21.95 7.43
C LYS B 234 -9.88 21.58 8.13
N ASN B 235 -10.17 22.22 9.27
CA ASN B 235 -11.40 21.94 9.98
C ASN B 235 -12.62 22.25 9.12
N ILE B 236 -12.62 23.42 8.49
CA ILE B 236 -13.75 23.81 7.65
C ILE B 236 -13.96 22.81 6.52
N LEU B 237 -12.86 22.38 5.88
CA LEU B 237 -12.99 21.45 4.76
C LEU B 237 -13.42 20.06 5.21
N VAL B 238 -12.97 19.63 6.39
CA VAL B 238 -13.43 18.34 6.90
C VAL B 238 -14.91 18.37 7.20
N GLU B 239 -15.40 19.46 7.81
CA GLU B 239 -16.85 19.59 8.02
C GLU B 239 -17.60 19.61 6.70
N MET B 240 -17.08 20.34 5.71
CA MET B 240 -17.73 20.40 4.41
C MET B 240 -17.77 19.03 3.74
N GLY B 241 -16.72 18.24 3.89
CA GLY B 241 -16.72 16.90 3.32
C GLY B 241 -17.68 15.96 4.03
N THR B 242 -17.80 16.10 5.36
CA THR B 242 -18.82 15.35 6.08
C THR B 242 -20.22 15.68 5.54
N TYR B 243 -20.48 16.97 5.30
CA TYR B 243 -21.78 17.35 4.74
C TYR B 243 -21.96 16.81 3.32
N PHE B 244 -20.90 16.81 2.53
CA PHE B 244 -20.95 16.23 1.18
C PHE B 244 -21.32 14.75 1.23
N GLN B 245 -20.71 14.00 2.14
CA GLN B 245 -21.03 12.58 2.21
C GLN B 245 -22.43 12.34 2.76
N VAL B 246 -22.93 13.24 3.62
CA VAL B 246 -24.35 13.16 4.00
C VAL B 246 -25.23 13.33 2.77
N GLN B 247 -24.88 14.29 1.90
CA GLN B 247 -25.59 14.44 0.63
C GLN B 247 -25.57 13.12 -0.16
N ASP B 248 -24.41 12.46 -0.19
CA ASP B 248 -24.30 11.18 -0.90
C ASP B 248 -25.20 10.12 -0.29
N ASP B 249 -25.23 10.03 1.04
CA ASP B 249 -26.09 9.08 1.72
C ASP B 249 -27.55 9.34 1.40
N TYR B 250 -27.93 10.62 1.32
CA TYR B 250 -29.30 10.96 0.99
C TYR B 250 -29.65 10.59 -0.46
N LEU B 251 -28.74 10.88 -1.40
CA LEU B 251 -29.00 10.60 -2.81
C LEU B 251 -28.96 9.11 -3.12
N ASP B 252 -28.32 8.29 -2.27
CA ASP B 252 -28.30 6.86 -2.54
C ASP B 252 -29.69 6.26 -2.44
N CYS B 253 -30.53 6.89 -1.66
CA CYS B 253 -31.86 6.38 -1.51
C CYS B 253 -32.93 7.23 -2.21
N PHE B 254 -32.79 8.55 -2.22
CA PHE B 254 -33.79 9.43 -2.83
C PHE B 254 -33.30 10.06 -4.14
N GLY B 264 -28.70 2.22 -6.14
CA GLY B 264 -28.23 2.52 -4.79
C GLY B 264 -28.48 1.38 -3.82
N THR B 265 -27.42 0.91 -3.15
CA THR B 265 -27.51 -0.32 -2.38
C THR B 265 -26.99 -0.18 -0.95
N ASP B 266 -27.18 0.98 -0.30
CA ASP B 266 -26.70 1.14 1.07
C ASP B 266 -27.49 0.31 2.08
N ILE B 267 -28.82 0.26 1.95
CA ILE B 267 -29.64 -0.53 2.86
C ILE B 267 -29.35 -2.00 2.67
N GLU B 268 -29.23 -2.40 1.42
CA GLU B 268 -28.94 -3.78 1.09
C GLU B 268 -27.63 -4.20 1.68
N ASP B 269 -26.68 -3.27 1.66
CA ASP B 269 -25.36 -3.60 2.15
C ASP B 269 -25.08 -3.34 3.61
N PHE B 270 -26.16 -3.13 4.37
CA PHE B 270 -26.09 -2.88 5.81
C PHE B 270 -25.02 -1.85 6.11
N LYS B 271 -25.10 -0.71 5.43
CA LYS B 271 -24.12 0.34 5.66
C LYS B 271 -24.60 1.33 6.71
N CYS B 272 -23.63 1.90 7.43
CA CYS B 272 -23.90 2.93 8.43
C CYS B 272 -24.19 4.28 7.75
N SER B 273 -25.34 4.33 7.08
CA SER B 273 -25.77 5.54 6.40
C SER B 273 -26.32 6.56 7.39
N TRP B 274 -26.28 7.83 6.98
CA TRP B 274 -26.88 8.89 7.78
C TRP B 274 -28.40 8.73 7.88
N LEU B 275 -29.03 8.21 6.81
CA LEU B 275 -30.48 8.06 6.80
C LEU B 275 -30.93 7.04 7.85
N VAL B 276 -30.30 5.86 7.87
CA VAL B 276 -30.70 4.82 8.82
C VAL B 276 -30.40 5.28 10.24
N VAL B 277 -29.32 6.02 10.43
CA VAL B 277 -28.98 6.51 11.77
C VAL B 277 -30.03 7.51 12.27
N LYS B 278 -30.40 8.47 11.42
CA LYS B 278 -31.42 9.44 11.82
C LYS B 278 -32.77 8.75 12.04
N ALA B 279 -33.07 7.72 11.23
CA ALA B 279 -34.29 6.96 11.44
C ALA B 279 -34.27 6.25 12.78
N LEU B 280 -33.14 5.63 13.12
CA LEU B 280 -33.02 4.96 14.41
C LEU B 280 -33.10 5.92 15.57
N GLU B 281 -32.82 7.21 15.35
CA GLU B 281 -33.03 8.17 16.43
C GLU B 281 -34.42 8.80 16.46
N LEU B 282 -35.16 8.82 15.35
CA LEU B 282 -36.45 9.52 15.32
C LEU B 282 -37.67 8.60 15.37
N ALA B 283 -37.51 7.29 15.30
CA ALA B 283 -38.66 6.39 15.22
C ALA B 283 -39.20 6.07 16.60
N ASN B 284 -40.28 5.28 16.65
CA ASN B 284 -40.77 4.72 17.89
C ASN B 284 -40.36 3.25 17.97
N ASP B 285 -40.66 2.61 19.09
CA ASP B 285 -40.19 1.24 19.34
C ASP B 285 -40.62 0.30 18.23
N GLU B 286 -41.85 0.47 17.74
CA GLU B 286 -42.35 -0.37 16.66
C GLU B 286 -41.60 -0.12 15.35
N GLN B 287 -41.31 1.14 15.04
CA GLN B 287 -40.57 1.44 13.81
C GLN B 287 -39.10 1.10 13.93
N LYS B 288 -38.54 1.15 15.14
CA LYS B 288 -37.17 0.70 15.33
C LYS B 288 -37.08 -0.81 15.30
N LYS B 289 -38.15 -1.49 15.65
CA LYS B 289 -38.27 -2.93 15.43
C LYS B 289 -38.32 -3.22 13.93
N LEU B 290 -39.12 -2.44 13.20
CA LEU B 290 -39.17 -2.56 11.75
C LEU B 290 -37.79 -2.42 11.12
N LEU B 291 -37.03 -1.42 11.55
CA LEU B 291 -35.69 -1.23 11.00
C LEU B 291 -34.77 -2.38 11.36
N HIS B 292 -34.77 -2.81 12.63
CA HIS B 292 -33.90 -3.90 13.03
C HIS B 292 -34.23 -5.18 12.29
N GLU B 293 -35.49 -5.36 11.88
CA GLU B 293 -35.93 -6.63 11.32
C GLU B 293 -35.97 -6.62 9.79
N ASN B 294 -35.61 -5.48 9.19
CA ASN B 294 -35.58 -5.32 7.72
C ASN B 294 -34.38 -4.56 7.09
N TYR B 295 -33.30 -4.39 7.85
CA TYR B 295 -32.12 -3.68 7.36
C TYR B 295 -31.10 -4.56 6.66
N GLY B 296 -30.73 -4.13 5.47
CA GLY B 296 -29.75 -4.80 4.63
C GLY B 296 -29.72 -6.32 4.65
N LYS B 297 -30.88 -6.94 4.48
CA LYS B 297 -30.97 -8.40 4.52
C LYS B 297 -31.62 -9.00 3.27
N GLU B 298 -31.12 -8.61 2.11
CA GLU B 298 -31.63 -9.10 0.85
C GLU B 298 -33.12 -8.86 0.62
N ASP B 299 -33.52 -9.12 -0.62
CA ASP B 299 -34.91 -8.98 -1.13
C ASP B 299 -35.48 -7.55 -1.20
N PRO B 300 -36.14 -7.24 -2.33
CA PRO B 300 -36.75 -5.91 -2.51
C PRO B 300 -37.72 -5.65 -1.38
N GLU B 301 -38.41 -6.69 -0.94
CA GLU B 301 -39.35 -6.57 0.15
C GLU B 301 -38.76 -5.72 1.25
N CYS B 302 -37.70 -6.25 1.83
CA CYS B 302 -36.99 -5.66 2.95
C CYS B 302 -36.52 -4.27 2.67
N VAL B 303 -36.26 -3.99 1.41
CA VAL B 303 -35.76 -2.68 1.03
C VAL B 303 -36.88 -1.71 0.78
N ALA B 304 -38.11 -2.19 0.74
CA ALA B 304 -39.26 -1.35 0.49
C ALA B 304 -39.75 -0.75 1.80
N LYS B 305 -39.82 -1.62 2.79
CA LYS B 305 -40.18 -1.29 4.17
C LYS B 305 -39.26 -0.21 4.73
N VAL B 306 -37.95 -0.33 4.47
CA VAL B 306 -37.00 0.68 4.96
C VAL B 306 -37.29 2.03 4.33
N LYS B 307 -37.53 2.04 3.01
CA LYS B 307 -37.79 3.29 2.33
C LYS B 307 -39.09 3.91 2.84
N LYS B 308 -40.11 3.09 3.18
CA LYS B 308 -41.34 3.71 3.67
C LYS B 308 -41.19 4.16 5.10
N LEU B 309 -40.32 3.51 5.85
CA LEU B 309 -40.06 4.06 7.17
C LEU B 309 -39.42 5.43 7.03
N TYR B 310 -38.45 5.54 6.11
CA TYR B 310 -37.83 6.83 5.83
C TYR B 310 -38.86 7.88 5.44
N GLU B 311 -39.84 7.51 4.62
CA GLU B 311 -40.89 8.45 4.25
C GLU B 311 -41.74 8.85 5.46
N THR B 312 -42.14 7.88 6.28
CA THR B 312 -43.04 8.18 7.39
C THR B 312 -42.42 9.15 8.40
N LEU B 313 -41.11 9.03 8.64
CA LEU B 313 -40.44 9.98 9.52
C LEU B 313 -40.13 11.31 8.87
N ASN B 314 -40.48 11.48 7.59
CA ASN B 314 -40.23 12.73 6.86
C ASN B 314 -38.74 13.06 6.85
N LEU B 315 -37.90 12.06 6.56
CA LEU B 315 -36.46 12.27 6.57
C LEU B 315 -35.99 13.22 5.47
N GLN B 316 -36.85 13.60 4.53
CA GLN B 316 -36.45 14.56 3.51
C GLN B 316 -36.46 15.98 4.08
N ASP B 317 -37.37 16.23 5.04
CA ASP B 317 -37.36 17.51 5.70
C ASP B 317 -36.25 17.58 6.75
N VAL B 318 -35.96 16.46 7.42
CA VAL B 318 -34.83 16.45 8.34
C VAL B 318 -33.53 16.68 7.59
N PHE B 319 -33.40 16.07 6.40
CA PHE B 319 -32.21 16.27 5.60
C PHE B 319 -32.12 17.69 5.06
N GLY B 320 -33.25 18.29 4.65
CA GLY B 320 -33.23 19.69 4.23
C GLY B 320 -32.82 20.63 5.36
N GLU B 321 -33.35 20.38 6.56
CA GLU B 321 -32.99 21.21 7.71
C GLU B 321 -31.51 21.06 8.04
N TYR B 322 -31.02 19.81 8.08
CA TYR B 322 -29.60 19.57 8.27
C TYR B 322 -28.79 20.29 7.20
N GLU B 323 -29.27 20.26 5.95
CA GLU B 323 -28.47 20.77 4.85
C GLU B 323 -28.26 22.28 4.94
N ARG B 324 -29.35 23.02 5.09
CA ARG B 324 -29.29 24.48 5.18
C ARG B 324 -28.58 24.92 6.46
N GLN B 325 -28.80 24.19 7.55
CA GLN B 325 -28.17 24.53 8.83
C GLN B 325 -26.67 24.34 8.72
N SER B 326 -26.22 23.24 8.11
CA SER B 326 -24.81 23.04 7.85
C SER B 326 -24.26 24.12 6.94
N HIS B 327 -25.04 24.53 5.93
CA HIS B 327 -24.62 25.61 5.04
C HIS B 327 -24.37 26.89 5.82
N GLY B 328 -25.28 27.20 6.76
CA GLY B 328 -25.08 28.40 7.58
C GLY B 328 -23.83 28.31 8.43
N LYS B 329 -23.65 27.18 9.12
CA LYS B 329 -22.42 26.95 9.86
C LYS B 329 -21.18 27.21 8.99
N LEU B 330 -21.16 26.60 7.81
CA LEU B 330 -19.97 26.69 6.97
C LEU B 330 -19.72 28.11 6.48
N ILE B 331 -20.77 28.84 6.09
CA ILE B 331 -20.56 30.18 5.56
C ILE B 331 -20.08 31.12 6.67
N LYS B 332 -20.63 30.99 7.88
CA LYS B 332 -20.16 31.86 8.97
C LYS B 332 -18.70 31.54 9.30
N ALA B 333 -18.37 30.25 9.41
CA ALA B 333 -16.99 29.87 9.70
C ALA B 333 -16.04 30.36 8.61
N ILE B 334 -16.46 30.26 7.34
CA ILE B 334 -15.61 30.68 6.24
C ILE B 334 -15.37 32.17 6.27
N GLU B 335 -16.42 32.95 6.53
CA GLU B 335 -16.27 34.39 6.63
C GLU B 335 -15.55 34.82 7.90
N GLY B 336 -15.29 33.89 8.82
CA GLY B 336 -14.42 34.22 9.94
C GLY B 336 -12.93 34.26 9.62
N HIS B 337 -12.50 33.74 8.47
CA HIS B 337 -11.09 33.67 8.14
C HIS B 337 -10.57 35.00 7.63
N SER B 338 -9.29 35.26 7.89
CA SER B 338 -8.68 36.57 7.64
C SER B 338 -8.10 36.73 6.24
N ASN B 339 -8.09 35.69 5.41
CA ASN B 339 -7.52 35.75 4.07
C ASN B 339 -8.63 35.71 3.03
N LYS B 340 -8.61 36.67 2.11
CA LYS B 340 -9.67 36.79 1.11
C LYS B 340 -9.63 35.64 0.12
N ALA B 341 -8.43 35.24 -0.33
CA ALA B 341 -8.32 34.14 -1.28
C ALA B 341 -8.79 32.83 -0.68
N VAL B 342 -8.44 32.58 0.58
CA VAL B 342 -8.91 31.38 1.27
C VAL B 342 -10.42 31.35 1.31
N GLN B 343 -11.04 32.51 1.61
CA GLN B 343 -12.49 32.58 1.62
C GLN B 343 -13.07 32.29 0.24
N PHE B 344 -12.44 32.80 -0.82
CA PHE B 344 -12.89 32.48 -2.17
C PHE B 344 -12.83 30.99 -2.43
N VAL B 345 -11.72 30.35 -2.04
CA VAL B 345 -11.56 28.92 -2.26
C VAL B 345 -12.64 28.13 -1.54
N LEU B 346 -12.87 28.43 -0.27
CA LEU B 346 -13.82 27.65 0.51
C LEU B 346 -15.25 27.89 0.06
N LYS B 347 -15.57 29.13 -0.32
CA LYS B 347 -16.91 29.45 -0.79
C LYS B 347 -17.18 28.77 -2.13
N SER B 348 -16.17 28.72 -3.00
CA SER B 348 -16.32 28.02 -4.27
C SER B 348 -16.50 26.53 -4.05
N SER B 349 -15.73 25.94 -3.14
CA SER B 349 -15.92 24.53 -2.82
C SER B 349 -17.33 24.27 -2.30
N LEU B 350 -17.85 25.17 -1.46
CA LEU B 350 -19.18 24.96 -0.88
C LEU B 350 -20.26 25.06 -1.94
N GLU B 351 -20.18 26.04 -2.84
CA GLU B 351 -21.28 26.22 -3.79
C GLU B 351 -21.30 25.15 -4.87
N LYS B 352 -20.16 24.48 -5.12
CA LYS B 352 -20.14 23.39 -6.09
C LYS B 352 -20.98 22.19 -5.64
N ILE B 353 -21.23 22.07 -4.34
CA ILE B 353 -21.97 20.93 -3.81
C ILE B 353 -23.31 21.31 -3.18
N TYR B 354 -23.53 22.59 -2.89
CA TYR B 354 -24.75 23.02 -2.22
C TYR B 354 -25.97 22.71 -3.06
N GLN B 355 -26.89 21.91 -2.50
CA GLN B 355 -28.15 21.52 -3.15
C GLN B 355 -27.90 20.77 -4.47
N ARG B 356 -26.80 20.02 -4.53
CA ARG B 356 -26.55 19.17 -5.69
C ARG B 356 -27.56 18.03 -5.75
N GLN B 357 -27.73 17.49 -6.96
CA GLN B 357 -28.50 16.27 -7.19
C GLN B 357 -27.62 15.15 -7.73
N LYS B 358 -26.30 15.39 -7.80
CA LYS B 358 -25.39 14.45 -8.41
C LYS B 358 -23.99 14.56 -7.80
#